data_6CSC
#
_entry.id   6CSC
#
_cell.length_a   110.370
_cell.length_b   100.210
_cell.length_c   87.840
_cell.angle_alpha   90.00
_cell.angle_beta   90.00
_cell.angle_gamma   90.00
#
_symmetry.space_group_name_H-M   'P 21 21 21'
#
loop_
_entity.id
_entity.type
_entity.pdbx_description
1 polymer 'CITRATE SYNTHASE'
2 non-polymer 'TRIFLUOROACETONYL COENZYME A'
3 non-polymer 'CITRIC ACID'
4 water water
#
_entity_poly.entity_id   1
_entity_poly.type   'polypeptide(L)'
_entity_poly.pdbx_seq_one_letter_code
;ASSTNLKDVLASLIPKEQARIKTFRQQHGNTAVGQITVDMSYGGMRGMKGLIYETSVLDPDEGIRFRGFSIPECQKLLPK
AGGGEEPLPEGLFWLLVTGQIPTPEQVSWVSKEWAKRAALPSHVVTMLDNFPTNLHPMSQLSAAITALNSESNFARAYAE
GINRTKYWEFVYEDAMDLIAKLPCVAAKIYRNLYRAGSSIGAIDSKLDWSHNFTNMLGYTDPQFTELMRLYLTIHSDHEG
GNVSAHTSHLVGSALSDPYLSFAAAMNGLAGPLHGLANQEVLLWLSQLQKDLGADASDEKLRDYIWNTLNSGRVVPGYGH
AVLRKTDPRYTCQREFALKHLPSDPMFKLVAQLYKIVPNVLLEQGKAKNPWPNVDAHSGVLLQYYGMTEMNYYTVLFGVS
RALGVLAQLIWSRALGFPLERPKSMSTAGLEKLSAGG
;
_entity_poly.pdbx_strand_id   A,B
#
loop_
_chem_comp.id
_chem_comp.type
_chem_comp.name
_chem_comp.formula
CIT non-polymer 'CITRIC ACID' 'C6 H8 O7'
COF non-polymer 'TRIFLUOROACETONYL COENZYME A' 'C24 H37 F3 N7 O17 P3 S'
#
# COMPACT_ATOMS: atom_id res chain seq x y z
N ALA A 1 -35.49 9.71 5.93
CA ALA A 1 -34.20 9.21 5.49
C ALA A 1 -33.38 10.15 4.55
N SER A 2 -34.04 10.87 3.62
CA SER A 2 -33.32 11.67 2.66
C SER A 2 -33.80 13.06 2.11
N SER A 3 -32.73 13.78 1.75
CA SER A 3 -32.50 15.10 1.20
C SER A 3 -31.04 15.14 0.58
N THR A 4 -30.71 16.21 -0.17
CA THR A 4 -29.52 16.40 -1.00
C THR A 4 -28.03 16.42 -0.63
N ASN A 5 -27.59 17.21 0.32
CA ASN A 5 -26.17 17.25 0.58
C ASN A 5 -25.59 16.07 1.38
N LEU A 6 -24.82 15.24 0.69
CA LEU A 6 -24.17 14.10 1.35
C LEU A 6 -23.47 14.56 2.61
N LYS A 7 -22.65 15.62 2.48
CA LYS A 7 -21.94 16.09 3.65
C LYS A 7 -22.85 16.35 4.85
N ASP A 8 -23.97 17.02 4.64
CA ASP A 8 -24.88 17.28 5.76
C ASP A 8 -25.41 15.96 6.21
N VAL A 9 -25.87 15.15 5.26
CA VAL A 9 -26.36 13.84 5.63
C VAL A 9 -25.35 13.07 6.50
N LEU A 10 -24.12 13.00 6.04
CA LEU A 10 -23.09 12.29 6.79
C LEU A 10 -22.92 12.80 8.17
N ALA A 11 -22.73 14.10 8.23
CA ALA A 11 -22.56 14.79 9.51
C ALA A 11 -23.57 14.31 10.55
N SER A 12 -24.86 14.24 10.14
CA SER A 12 -25.94 13.80 11.02
C SER A 12 -25.76 12.36 11.45
N LEU A 13 -25.58 11.51 10.44
CA LEU A 13 -25.43 10.07 10.55
C LEU A 13 -24.34 9.67 11.55
N ILE A 14 -23.21 10.33 11.39
CA ILE A 14 -21.98 10.04 12.13
C ILE A 14 -22.05 9.74 13.62
N PRO A 15 -22.60 10.66 14.36
CA PRO A 15 -22.58 10.54 15.79
C PRO A 15 -23.34 9.37 16.38
N LYS A 16 -24.40 8.98 15.66
CA LYS A 16 -25.20 7.85 16.10
C LYS A 16 -24.42 6.57 15.92
N GLU A 17 -23.59 6.61 14.87
CA GLU A 17 -22.76 5.48 14.54
C GLU A 17 -21.74 5.18 15.64
N GLN A 18 -21.00 6.21 15.95
CA GLN A 18 -20.00 6.23 16.97
C GLN A 18 -20.49 5.71 18.30
N ALA A 19 -21.70 6.11 18.62
CA ALA A 19 -22.33 5.76 19.89
C ALA A 19 -22.58 4.28 19.92
N ARG A 20 -23.11 3.82 18.81
CA ARG A 20 -23.37 2.42 18.61
C ARG A 20 -22.09 1.61 18.77
N ILE A 21 -21.14 1.87 17.87
CA ILE A 21 -19.92 1.10 17.93
C ILE A 21 -19.40 1.14 19.36
N LYS A 22 -19.52 2.30 19.96
CA LYS A 22 -19.01 2.47 21.32
C LYS A 22 -19.62 1.55 22.37
N THR A 23 -20.95 1.44 22.37
CA THR A 23 -21.61 0.59 23.35
C THR A 23 -21.38 -0.85 23.05
N PHE A 24 -21.41 -1.15 21.77
CA PHE A 24 -21.18 -2.50 21.31
C PHE A 24 -19.83 -2.93 21.82
N ARG A 25 -18.86 -2.10 21.51
CA ARG A 25 -17.49 -2.32 21.90
C ARG A 25 -17.39 -2.41 23.43
N GLN A 26 -18.32 -1.75 24.10
CA GLN A 26 -18.41 -1.71 25.56
C GLN A 26 -18.78 -3.09 26.16
N GLN A 27 -19.80 -3.68 25.61
CA GLN A 27 -20.23 -5.01 26.02
C GLN A 27 -19.26 -6.11 25.54
N HIS A 28 -18.85 -6.10 24.25
CA HIS A 28 -18.02 -7.16 23.63
C HIS A 28 -16.62 -6.90 23.13
N GLY A 29 -15.93 -5.85 23.51
CA GLY A 29 -14.61 -5.70 22.93
C GLY A 29 -13.68 -6.87 23.20
N ASN A 30 -13.94 -7.56 24.31
CA ASN A 30 -13.13 -8.69 24.73
C ASN A 30 -13.73 -10.03 24.29
N THR A 31 -14.88 -9.98 23.63
CA THR A 31 -15.54 -11.16 23.14
C THR A 31 -14.80 -11.73 21.92
N ALA A 32 -14.19 -12.89 22.11
CA ALA A 32 -13.42 -13.60 21.10
C ALA A 32 -14.22 -13.99 19.85
N VAL A 33 -13.74 -13.54 18.71
CA VAL A 33 -14.37 -13.78 17.42
C VAL A 33 -13.68 -14.87 16.63
N GLY A 34 -12.51 -15.32 17.07
CA GLY A 34 -11.89 -16.35 16.29
C GLY A 34 -10.51 -16.59 16.75
N GLN A 35 -10.00 -17.63 16.11
CA GLN A 35 -8.73 -18.33 16.04
C GLN A 35 -7.53 -17.48 15.90
N ILE A 36 -6.50 -18.19 15.40
CA ILE A 36 -5.15 -17.82 14.95
C ILE A 36 -4.20 -19.00 14.95
N THR A 37 -4.08 -19.64 13.84
CA THR A 37 -3.21 -20.79 13.79
C THR A 37 -1.99 -20.57 12.94
N VAL A 38 -1.09 -21.51 13.03
CA VAL A 38 0.14 -21.39 12.29
C VAL A 38 -0.06 -21.28 10.82
N ASP A 39 -1.00 -22.02 10.38
CA ASP A 39 -1.32 -22.05 8.99
C ASP A 39 -1.85 -20.74 8.43
N MET A 40 -2.66 -20.01 9.19
CA MET A 40 -3.20 -18.74 8.69
C MET A 40 -2.12 -17.64 8.52
N SER A 41 -1.14 -17.69 9.40
CA SER A 41 0.00 -16.82 9.45
C SER A 41 0.88 -16.99 8.22
N TYR A 42 1.14 -18.22 7.87
CA TYR A 42 1.96 -18.50 6.71
C TYR A 42 1.17 -18.34 5.45
N GLY A 43 -0.15 -18.56 5.59
CA GLY A 43 -1.15 -18.56 4.50
C GLY A 43 -1.72 -17.21 4.11
N GLY A 44 -0.99 -16.12 4.39
CA GLY A 44 -1.48 -14.79 3.99
C GLY A 44 -2.80 -14.40 4.67
N MET A 45 -2.92 -14.80 5.95
CA MET A 45 -4.06 -14.48 6.79
C MET A 45 -5.36 -15.10 6.33
N ARG A 46 -5.24 -16.17 5.58
CA ARG A 46 -6.39 -16.88 5.08
C ARG A 46 -7.31 -17.39 6.12
N GLY A 47 -8.55 -16.89 6.04
CA GLY A 47 -9.54 -17.30 6.98
C GLY A 47 -9.52 -16.50 8.27
N MET A 48 -8.64 -15.52 8.39
CA MET A 48 -8.72 -14.80 9.62
C MET A 48 -9.53 -13.58 9.45
N LYS A 49 -10.51 -13.39 10.29
CA LYS A 49 -11.21 -12.15 10.14
C LYS A 49 -10.63 -11.18 11.14
N GLY A 50 -9.95 -10.18 10.62
CA GLY A 50 -9.37 -9.28 11.57
C GLY A 50 -9.31 -7.86 11.08
N LEU A 51 -10.41 -7.40 10.54
CA LEU A 51 -10.51 -6.06 9.98
C LEU A 51 -11.95 -5.59 9.98
N ILE A 52 -12.22 -4.34 10.34
CA ILE A 52 -13.61 -3.86 10.23
C ILE A 52 -13.79 -3.01 8.99
N TYR A 53 -14.76 -3.35 8.12
CA TYR A 53 -14.96 -2.59 6.89
C TYR A 53 -16.47 -2.52 6.71
N GLU A 54 -17.01 -1.33 6.79
CA GLU A 54 -18.47 -1.19 6.78
C GLU A 54 -19.22 -1.22 5.48
N THR A 55 -18.63 -0.70 4.42
CA THR A 55 -19.30 -0.56 3.14
C THR A 55 -19.81 -1.84 2.43
N SER A 56 -19.04 -2.89 2.40
CA SER A 56 -19.49 -4.14 1.78
C SER A 56 -18.97 -5.28 2.59
N VAL A 57 -19.69 -6.41 2.41
CA VAL A 57 -19.41 -7.70 3.04
C VAL A 57 -19.60 -8.78 2.02
N LEU A 58 -18.58 -9.62 1.94
CA LEU A 58 -18.59 -10.72 1.02
C LEU A 58 -18.93 -12.00 1.74
N ASP A 59 -20.00 -12.65 1.26
CA ASP A 59 -20.41 -13.96 1.73
C ASP A 59 -19.83 -14.98 0.71
N PRO A 60 -18.95 -15.85 1.19
CA PRO A 60 -18.25 -16.82 0.36
C PRO A 60 -19.13 -17.70 -0.46
N ASP A 61 -20.38 -17.79 -0.06
CA ASP A 61 -21.34 -18.65 -0.71
C ASP A 61 -22.34 -17.90 -1.54
N GLU A 62 -22.51 -16.65 -1.25
CA GLU A 62 -23.50 -15.90 -1.98
C GLU A 62 -22.91 -14.74 -2.76
N GLY A 63 -21.80 -14.21 -2.34
CA GLY A 63 -21.25 -13.07 -3.08
C GLY A 63 -21.26 -11.76 -2.32
N ILE A 64 -20.90 -10.69 -3.00
CA ILE A 64 -20.85 -9.44 -2.30
C ILE A 64 -22.23 -8.89 -1.97
N ARG A 65 -22.30 -8.29 -0.81
CA ARG A 65 -23.52 -7.59 -0.48
C ARG A 65 -23.14 -6.13 -0.29
N PHE A 66 -23.75 -5.22 -1.05
CA PHE A 66 -23.36 -3.80 -0.87
C PHE A 66 -23.75 -3.23 0.47
N ARG A 67 -24.85 -2.57 0.63
CA ARG A 67 -25.02 -2.20 2.07
C ARG A 67 -26.13 -3.03 2.60
N GLY A 68 -25.99 -4.33 2.34
CA GLY A 68 -26.94 -5.37 2.66
C GLY A 68 -27.60 -5.84 1.40
N PHE A 69 -27.26 -5.15 0.31
CA PHE A 69 -27.85 -5.43 -0.99
C PHE A 69 -26.97 -6.22 -1.92
N SER A 70 -27.68 -7.02 -2.67
CA SER A 70 -27.05 -7.80 -3.67
C SER A 70 -27.11 -7.07 -4.96
N ILE A 71 -26.25 -7.51 -5.81
CA ILE A 71 -26.15 -6.95 -7.13
C ILE A 71 -27.50 -6.84 -7.85
N PRO A 72 -28.19 -7.97 -7.99
CA PRO A 72 -29.46 -7.95 -8.64
C PRO A 72 -30.39 -6.96 -7.99
N GLU A 73 -30.31 -6.90 -6.65
CA GLU A 73 -31.11 -5.97 -5.89
C GLU A 73 -30.68 -4.53 -6.21
N CYS A 74 -29.38 -4.27 -6.24
CA CYS A 74 -28.91 -2.96 -6.62
C CYS A 74 -29.36 -2.67 -8.03
N GLN A 75 -29.32 -3.71 -8.80
CA GLN A 75 -29.67 -3.68 -10.20
C GLN A 75 -31.06 -3.16 -10.43
N LYS A 76 -31.92 -3.42 -9.48
CA LYS A 76 -33.27 -2.96 -9.68
C LYS A 76 -33.59 -1.63 -8.97
N LEU A 77 -33.12 -1.55 -7.76
CA LEU A 77 -33.33 -0.43 -6.88
C LEU A 77 -32.64 0.86 -7.34
N LEU A 78 -31.39 0.75 -7.74
CA LEU A 78 -30.63 1.94 -8.08
C LEU A 78 -31.11 2.76 -9.26
N PRO A 79 -30.95 4.08 -9.15
CA PRO A 79 -31.43 4.93 -10.23
C PRO A 79 -30.60 4.74 -11.46
N LYS A 80 -31.24 4.90 -12.64
CA LYS A 80 -30.65 4.67 -13.97
C LYS A 80 -30.59 5.93 -14.79
N ALA A 81 -29.79 5.95 -15.85
CA ALA A 81 -29.74 7.15 -16.67
C ALA A 81 -31.10 7.38 -17.29
N GLY A 82 -31.43 8.65 -17.55
CA GLY A 82 -32.70 8.89 -18.17
C GLY A 82 -32.73 8.03 -19.40
N GLY A 83 -33.37 6.86 -19.30
CA GLY A 83 -33.45 5.95 -20.45
C GLY A 83 -32.47 4.79 -20.44
N GLY A 84 -31.90 4.48 -19.29
CA GLY A 84 -30.99 3.38 -19.21
C GLY A 84 -31.62 2.21 -18.51
N GLU A 85 -30.81 1.20 -18.32
CA GLU A 85 -31.18 -0.02 -17.65
C GLU A 85 -30.21 -0.26 -16.53
N GLU A 86 -29.00 0.26 -16.76
CA GLU A 86 -27.92 0.11 -15.83
C GLU A 86 -27.86 1.14 -14.71
N PRO A 87 -27.53 0.66 -13.50
CA PRO A 87 -27.43 1.54 -12.37
C PRO A 87 -26.30 2.49 -12.60
N LEU A 88 -26.45 3.70 -12.07
CA LEU A 88 -25.37 4.67 -12.19
C LEU A 88 -24.48 4.58 -10.97
N PRO A 89 -23.21 4.66 -11.19
CA PRO A 89 -22.21 4.55 -10.14
C PRO A 89 -22.38 5.51 -8.99
N GLU A 90 -22.91 6.69 -9.30
CA GLU A 90 -23.21 7.78 -8.37
C GLU A 90 -24.16 7.31 -7.31
N GLY A 91 -25.19 6.57 -7.75
CA GLY A 91 -26.17 6.03 -6.80
C GLY A 91 -25.53 5.05 -5.83
N LEU A 92 -24.71 4.15 -6.39
CA LEU A 92 -24.04 3.18 -5.57
C LEU A 92 -23.16 3.84 -4.50
N PHE A 93 -22.46 4.88 -4.91
CA PHE A 93 -21.55 5.58 -3.98
C PHE A 93 -22.33 6.12 -2.82
N TRP A 94 -23.52 6.65 -3.15
CA TRP A 94 -24.42 7.19 -2.16
C TRP A 94 -24.84 6.08 -1.19
N LEU A 95 -25.21 4.97 -1.77
CA LEU A 95 -25.64 3.83 -0.97
C LEU A 95 -24.59 3.35 0.03
N LEU A 96 -23.41 3.25 -0.47
CA LEU A 96 -22.22 2.78 0.19
C LEU A 96 -21.84 3.70 1.33
N VAL A 97 -21.92 5.00 1.05
CA VAL A 97 -21.62 6.04 2.02
C VAL A 97 -22.71 6.13 3.10
N THR A 98 -23.95 6.31 2.65
CA THR A 98 -25.09 6.51 3.54
C THR A 98 -25.69 5.23 4.03
N GLY A 99 -25.47 4.11 3.29
CA GLY A 99 -26.09 2.86 3.69
C GLY A 99 -27.59 2.91 3.28
N GLN A 100 -27.95 3.93 2.51
CA GLN A 100 -29.30 4.05 2.03
C GLN A 100 -29.37 4.28 0.58
N ILE A 101 -30.48 3.80 0.02
CA ILE A 101 -30.72 3.92 -1.37
C ILE A 101 -31.15 5.32 -1.67
N PRO A 102 -30.48 5.89 -2.64
CA PRO A 102 -30.71 7.24 -3.07
C PRO A 102 -31.93 7.43 -4.00
N THR A 103 -32.34 8.65 -4.08
CA THR A 103 -33.37 9.03 -4.99
C THR A 103 -32.68 9.54 -6.24
N PRO A 104 -33.46 9.83 -7.23
CA PRO A 104 -32.90 10.33 -8.45
C PRO A 104 -32.26 11.70 -8.26
N GLU A 105 -32.88 12.48 -7.42
CA GLU A 105 -32.34 13.79 -7.18
C GLU A 105 -30.98 13.68 -6.54
N GLN A 106 -31.01 12.87 -5.53
CA GLN A 106 -29.84 12.61 -4.76
C GLN A 106 -28.66 12.20 -5.64
N VAL A 107 -28.95 11.39 -6.61
CA VAL A 107 -27.92 10.94 -7.53
C VAL A 107 -27.42 12.10 -8.41
N SER A 108 -28.37 12.88 -8.91
CA SER A 108 -28.12 14.03 -9.77
C SER A 108 -27.22 15.03 -9.09
N TRP A 109 -27.48 15.25 -7.80
CA TRP A 109 -26.61 16.15 -7.11
C TRP A 109 -25.17 15.63 -7.15
N VAL A 110 -24.99 14.30 -6.97
CA VAL A 110 -23.64 13.71 -6.96
C VAL A 110 -22.91 13.93 -8.27
N SER A 111 -23.60 13.63 -9.35
CA SER A 111 -23.06 13.86 -10.70
C SER A 111 -22.55 15.29 -10.88
N LYS A 112 -23.40 16.24 -10.44
CA LYS A 112 -23.14 17.66 -10.56
C LYS A 112 -21.90 18.04 -9.82
N GLU A 113 -21.77 17.42 -8.66
CA GLU A 113 -20.68 17.67 -7.76
C GLU A 113 -19.38 17.10 -8.28
N TRP A 114 -19.51 16.00 -8.96
CA TRP A 114 -18.33 15.37 -9.49
C TRP A 114 -17.87 16.10 -10.73
N ALA A 115 -18.88 16.69 -11.43
CA ALA A 115 -18.61 17.45 -12.65
C ALA A 115 -17.79 18.64 -12.25
N LYS A 116 -18.37 19.38 -11.26
CA LYS A 116 -17.81 20.57 -10.64
C LYS A 116 -16.37 20.44 -10.19
N ARG A 117 -16.07 19.38 -9.42
CA ARG A 117 -14.73 19.21 -8.87
C ARG A 117 -13.70 18.74 -9.84
N ALA A 118 -14.10 18.47 -11.06
CA ALA A 118 -13.18 17.92 -12.05
C ALA A 118 -12.17 18.88 -12.59
N ALA A 119 -10.95 18.79 -12.06
CA ALA A 119 -9.87 19.64 -12.51
C ALA A 119 -8.50 19.02 -12.18
N LEU A 120 -7.63 19.01 -13.18
CA LEU A 120 -6.29 18.48 -13.08
C LEU A 120 -5.30 19.65 -13.02
N PRO A 121 -4.26 19.53 -12.19
CA PRO A 121 -3.30 20.59 -12.18
C PRO A 121 -2.34 20.38 -13.36
N SER A 122 -1.71 21.48 -13.77
CA SER A 122 -0.80 21.49 -14.88
C SER A 122 0.30 20.45 -14.78
N HIS A 123 0.99 20.44 -13.62
CA HIS A 123 2.11 19.52 -13.32
C HIS A 123 1.71 18.07 -13.58
N VAL A 124 0.47 17.72 -13.22
CA VAL A 124 0.06 16.37 -13.50
C VAL A 124 0.00 16.15 -15.03
N VAL A 125 -0.68 17.05 -15.70
CA VAL A 125 -0.80 16.99 -17.13
C VAL A 125 0.60 16.91 -17.75
N THR A 126 1.49 17.80 -17.35
CA THR A 126 2.86 17.80 -17.86
C THR A 126 3.48 16.40 -17.74
N MET A 127 3.38 15.86 -16.53
CA MET A 127 3.89 14.57 -16.19
C MET A 127 3.32 13.50 -17.07
N LEU A 128 1.98 13.49 -17.17
CA LEU A 128 1.35 12.46 -18.03
C LEU A 128 1.82 12.53 -19.45
N ASP A 129 1.83 13.76 -20.00
CA ASP A 129 2.30 13.94 -21.38
C ASP A 129 3.78 13.61 -21.56
N ASN A 130 4.51 13.32 -20.48
CA ASN A 130 5.95 13.10 -20.62
C ASN A 130 6.43 11.65 -20.44
N PHE A 131 5.48 10.82 -20.06
CA PHE A 131 5.67 9.43 -19.83
C PHE A 131 5.82 8.71 -21.14
N PRO A 132 6.68 7.72 -21.10
CA PRO A 132 6.97 6.86 -22.24
C PRO A 132 5.84 5.88 -22.48
N THR A 133 5.74 5.45 -23.72
CA THR A 133 4.64 4.61 -24.11
C THR A 133 4.79 3.26 -23.52
N ASN A 134 6.01 2.99 -23.00
CA ASN A 134 6.29 1.68 -22.40
C ASN A 134 6.01 1.61 -20.90
N LEU A 135 5.64 2.73 -20.33
CA LEU A 135 5.27 2.84 -18.94
C LEU A 135 3.84 2.36 -18.83
N HIS A 136 3.64 1.20 -18.16
CA HIS A 136 2.34 0.60 -18.02
C HIS A 136 1.26 1.58 -17.58
N PRO A 137 0.07 1.47 -18.16
CA PRO A 137 -1.01 2.38 -17.79
C PRO A 137 -1.27 2.52 -16.28
N MET A 138 -1.13 1.41 -15.54
CA MET A 138 -1.35 1.42 -14.11
C MET A 138 -0.30 2.25 -13.39
N SER A 139 0.98 2.22 -13.86
CA SER A 139 2.04 3.00 -13.25
C SER A 139 1.82 4.49 -13.45
N GLN A 140 1.34 4.79 -14.64
CA GLN A 140 0.99 6.14 -14.98
C GLN A 140 -0.08 6.67 -14.03
N LEU A 141 -1.08 5.88 -13.89
CA LEU A 141 -2.21 6.23 -13.07
C LEU A 141 -1.77 6.41 -11.64
N SER A 142 -1.07 5.41 -11.13
CA SER A 142 -0.57 5.48 -9.76
C SER A 142 0.35 6.72 -9.49
N ALA A 143 1.35 6.93 -10.36
CA ALA A 143 2.25 8.06 -10.23
C ALA A 143 1.48 9.38 -10.38
N ALA A 144 0.47 9.38 -11.26
CA ALA A 144 -0.34 10.60 -11.42
C ALA A 144 -1.06 10.90 -10.12
N ILE A 145 -1.72 9.86 -9.54
CA ILE A 145 -2.44 10.05 -8.27
C ILE A 145 -1.57 10.57 -7.16
N THR A 146 -0.41 9.93 -7.01
CA THR A 146 0.49 10.36 -5.98
C THR A 146 0.83 11.87 -6.10
N ALA A 147 1.18 12.31 -7.34
CA ALA A 147 1.55 13.69 -7.66
C ALA A 147 0.41 14.68 -7.51
N LEU A 148 -0.79 14.21 -7.53
CA LEU A 148 -1.94 15.06 -7.37
C LEU A 148 -2.07 15.42 -5.91
N ASN A 149 -1.19 14.80 -5.12
CA ASN A 149 -1.29 14.97 -3.67
C ASN A 149 -1.04 16.36 -3.15
N SER A 150 -0.47 17.20 -4.05
CA SER A 150 -0.13 18.61 -3.85
C SER A 150 -1.37 19.39 -3.43
N GLU A 151 -2.51 18.84 -3.83
CA GLU A 151 -3.83 19.34 -3.65
C GLU A 151 -4.49 18.87 -2.37
N SER A 152 -3.97 17.86 -1.72
CA SER A 152 -4.69 17.36 -0.56
C SER A 152 -5.12 18.40 0.45
N ASN A 153 -6.41 18.42 0.72
CA ASN A 153 -6.98 19.32 1.70
C ASN A 153 -6.80 18.72 3.10
N PHE A 154 -6.87 17.40 3.16
CA PHE A 154 -6.70 16.76 4.47
C PHE A 154 -5.25 16.99 4.95
N ALA A 155 -4.32 16.71 4.05
CA ALA A 155 -2.92 16.90 4.39
C ALA A 155 -2.68 18.28 4.99
N ARG A 156 -3.05 19.32 4.21
CA ARG A 156 -2.95 20.72 4.62
C ARG A 156 -3.54 20.92 6.03
N ALA A 157 -4.82 20.64 6.13
CA ALA A 157 -5.51 20.77 7.37
C ALA A 157 -4.78 20.07 8.48
N TYR A 158 -4.50 18.80 8.28
CA TYR A 158 -3.80 18.10 9.31
C TYR A 158 -2.56 18.85 9.86
N ALA A 159 -1.70 19.32 8.94
CA ALA A 159 -0.49 20.04 9.29
C ALA A 159 -0.77 21.29 10.10
N GLU A 160 -1.92 21.89 9.80
CA GLU A 160 -2.39 23.11 10.46
C GLU A 160 -3.06 22.85 11.80
N GLY A 161 -2.93 21.62 12.27
CA GLY A 161 -3.41 21.20 13.58
C GLY A 161 -4.88 21.00 13.80
N ILE A 162 -5.59 20.36 12.89
CA ILE A 162 -7.00 20.10 13.16
C ILE A 162 -7.22 18.99 14.17
N ASN A 163 -8.45 19.00 14.69
CA ASN A 163 -8.94 18.07 15.69
C ASN A 163 -9.39 16.75 15.09
N ARG A 164 -8.98 15.70 15.77
CA ARG A 164 -9.33 14.37 15.32
C ARG A 164 -10.79 14.28 14.85
N THR A 165 -11.64 15.08 15.46
CA THR A 165 -13.07 15.04 15.12
C THR A 165 -13.40 15.49 13.71
N LYS A 166 -12.69 16.53 13.28
CA LYS A 166 -12.86 17.17 11.99
C LYS A 166 -12.16 16.42 10.85
N TYR A 167 -11.30 15.51 11.17
CA TYR A 167 -10.60 14.73 10.18
C TYR A 167 -11.49 14.21 9.02
N TRP A 168 -12.62 13.63 9.35
CA TRP A 168 -13.46 13.07 8.30
C TRP A 168 -13.89 14.04 7.22
N GLU A 169 -14.03 15.31 7.61
CA GLU A 169 -14.49 16.38 6.75
C GLU A 169 -13.57 16.66 5.58
N PHE A 170 -12.29 16.54 5.84
CA PHE A 170 -11.33 16.84 4.83
C PHE A 170 -11.07 15.66 3.94
N VAL A 171 -11.26 14.51 4.54
CA VAL A 171 -11.17 13.27 3.82
C VAL A 171 -12.38 13.26 2.85
N TYR A 172 -13.60 13.67 3.33
CA TYR A 172 -14.77 13.76 2.43
C TYR A 172 -14.53 14.66 1.19
N GLU A 173 -13.78 15.77 1.41
CA GLU A 173 -13.44 16.71 0.36
C GLU A 173 -12.44 16.12 -0.59
N ASP A 174 -11.35 15.60 -0.02
CA ASP A 174 -10.30 14.95 -0.80
C ASP A 174 -10.85 13.82 -1.62
N ALA A 175 -11.75 13.00 -1.05
CA ALA A 175 -12.34 11.87 -1.81
C ALA A 175 -13.20 12.32 -2.97
N MET A 176 -14.08 13.33 -2.71
CA MET A 176 -14.95 13.85 -3.74
C MET A 176 -14.15 14.37 -4.97
N ASP A 177 -13.11 15.19 -4.69
CA ASP A 177 -12.19 15.74 -5.70
C ASP A 177 -11.51 14.63 -6.48
N LEU A 178 -11.00 13.61 -5.75
CA LEU A 178 -10.35 12.48 -6.36
C LEU A 178 -11.35 11.72 -7.22
N ILE A 179 -12.56 11.38 -6.70
CA ILE A 179 -13.50 10.66 -7.59
C ILE A 179 -13.67 11.47 -8.84
N ALA A 180 -13.74 12.78 -8.65
CA ALA A 180 -13.94 13.70 -9.76
C ALA A 180 -12.83 13.82 -10.79
N LYS A 181 -11.57 13.80 -10.36
CA LYS A 181 -10.41 13.94 -11.26
C LYS A 181 -10.03 12.68 -12.07
N LEU A 182 -10.23 11.54 -11.43
CA LEU A 182 -9.95 10.14 -11.90
C LEU A 182 -10.23 9.90 -13.36
N PRO A 183 -11.46 10.25 -13.78
CA PRO A 183 -11.70 10.00 -15.19
C PRO A 183 -10.81 10.85 -16.10
N CYS A 184 -10.58 12.10 -15.70
CA CYS A 184 -9.70 12.99 -16.45
C CYS A 184 -8.33 12.39 -16.65
N VAL A 185 -7.87 11.87 -15.53
CA VAL A 185 -6.56 11.26 -15.51
C VAL A 185 -6.53 10.00 -16.37
N ALA A 186 -7.53 9.15 -16.15
CA ALA A 186 -7.56 7.92 -16.85
C ALA A 186 -7.66 8.10 -18.34
N ALA A 187 -8.55 9.03 -18.74
CA ALA A 187 -8.79 9.40 -20.14
C ALA A 187 -7.53 9.93 -20.85
N LYS A 188 -6.78 10.78 -20.12
CA LYS A 188 -5.54 11.34 -20.61
C LYS A 188 -4.56 10.21 -20.88
N ILE A 189 -4.55 9.23 -19.98
CA ILE A 189 -3.68 8.12 -20.18
C ILE A 189 -4.03 7.39 -21.45
N TYR A 190 -5.30 7.13 -21.59
CA TYR A 190 -5.77 6.37 -22.76
C TYR A 190 -5.48 7.11 -24.07
N ARG A 191 -5.80 8.40 -24.06
CA ARG A 191 -5.57 9.26 -25.21
C ARG A 191 -4.15 9.22 -25.65
N ASN A 192 -3.30 9.53 -24.69
CA ASN A 192 -1.89 9.63 -24.90
C ASN A 192 -1.33 8.36 -25.54
N LEU A 193 -1.75 7.25 -25.00
CA LEU A 193 -1.27 5.98 -25.49
C LEU A 193 -1.93 5.50 -26.75
N TYR A 194 -3.25 5.53 -26.81
CA TYR A 194 -3.87 4.93 -27.96
C TYR A 194 -4.53 5.84 -28.90
N ARG A 195 -4.49 7.12 -28.60
CA ARG A 195 -5.15 8.07 -29.46
C ARG A 195 -4.26 9.22 -29.88
N ALA A 196 -3.00 8.92 -30.13
CA ALA A 196 -2.06 9.91 -30.63
C ALA A 196 -2.12 11.26 -29.93
N GLY A 197 -2.22 11.22 -28.60
CA GLY A 197 -2.24 12.39 -27.73
C GLY A 197 -3.33 13.43 -27.95
N SER A 198 -4.43 13.04 -28.56
CA SER A 198 -5.52 13.97 -28.80
C SER A 198 -6.08 14.46 -27.48
N SER A 199 -6.85 15.54 -27.53
CA SER A 199 -7.42 16.09 -26.31
C SER A 199 -8.68 15.40 -25.86
N ILE A 200 -8.84 15.34 -24.51
CA ILE A 200 -9.98 14.72 -23.81
C ILE A 200 -11.27 15.57 -23.83
N GLY A 201 -11.24 16.73 -24.45
CA GLY A 201 -12.43 17.58 -24.48
C GLY A 201 -12.79 18.12 -23.11
N ALA A 202 -14.03 18.52 -22.96
CA ALA A 202 -14.43 19.02 -21.67
C ALA A 202 -15.48 18.18 -20.97
N ILE A 203 -15.68 18.58 -19.71
CA ILE A 203 -16.68 17.99 -18.83
C ILE A 203 -18.05 18.65 -19.05
N ASP A 204 -19.10 17.87 -19.17
CA ASP A 204 -20.41 18.44 -19.31
C ASP A 204 -21.10 18.26 -18.00
N SER A 205 -21.11 19.36 -17.31
CA SER A 205 -21.68 19.56 -15.99
C SER A 205 -23.05 18.90 -15.89
N LYS A 206 -23.69 18.69 -17.03
CA LYS A 206 -24.99 18.07 -17.01
C LYS A 206 -24.94 16.57 -17.18
N LEU A 207 -23.81 16.01 -17.60
CA LEU A 207 -23.82 14.59 -17.82
C LEU A 207 -23.57 13.82 -16.53
N ASP A 208 -23.82 12.50 -16.59
CA ASP A 208 -23.53 11.58 -15.50
C ASP A 208 -22.05 11.26 -15.58
N TRP A 209 -21.45 10.92 -14.45
CA TRP A 209 -20.01 10.71 -14.41
C TRP A 209 -19.48 9.78 -15.47
N SER A 210 -20.14 8.63 -15.67
CA SER A 210 -19.70 7.62 -16.65
C SER A 210 -19.81 8.18 -18.03
N HIS A 211 -20.90 8.93 -18.26
CA HIS A 211 -21.12 9.52 -19.59
C HIS A 211 -20.03 10.50 -19.99
N ASN A 212 -19.67 11.33 -19.05
CA ASN A 212 -18.61 12.27 -19.27
C ASN A 212 -17.30 11.52 -19.49
N PHE A 213 -17.18 10.35 -18.86
CA PHE A 213 -15.98 9.53 -18.97
C PHE A 213 -15.82 8.99 -20.42
N THR A 214 -16.87 8.36 -20.91
CA THR A 214 -16.89 7.76 -22.21
C THR A 214 -16.67 8.80 -23.29
N ASN A 215 -17.21 10.02 -23.05
CA ASN A 215 -17.00 11.16 -23.92
C ASN A 215 -15.50 11.46 -23.95
N MET A 216 -14.90 11.63 -22.76
CA MET A 216 -13.46 11.88 -22.75
C MET A 216 -12.67 10.73 -23.32
N LEU A 217 -13.20 9.48 -23.26
CA LEU A 217 -12.51 8.33 -23.84
C LEU A 217 -12.67 8.36 -25.35
N GLY A 218 -13.75 8.94 -25.79
CA GLY A 218 -13.93 9.00 -27.21
C GLY A 218 -14.89 7.94 -27.67
N TYR A 219 -15.70 7.46 -26.73
CA TYR A 219 -16.66 6.41 -27.08
C TYR A 219 -18.03 6.99 -27.05
N THR A 220 -18.75 6.79 -28.15
CA THR A 220 -20.07 7.38 -28.33
C THR A 220 -21.28 6.43 -28.32
N ASP A 221 -21.04 5.11 -28.50
CA ASP A 221 -22.14 4.12 -28.45
C ASP A 221 -22.81 4.14 -27.08
N PRO A 222 -24.13 4.24 -27.07
CA PRO A 222 -24.89 4.29 -25.81
C PRO A 222 -24.86 2.98 -25.06
N GLN A 223 -24.64 1.92 -25.84
CA GLN A 223 -24.54 0.60 -25.27
C GLN A 223 -23.27 0.47 -24.46
N PHE A 224 -22.27 1.10 -24.98
CA PHE A 224 -21.05 1.15 -24.26
C PHE A 224 -21.19 2.06 -23.04
N THR A 225 -21.92 3.19 -23.17
CA THR A 225 -22.12 4.07 -22.04
C THR A 225 -22.73 3.29 -20.90
N GLU A 226 -23.69 2.47 -21.31
CA GLU A 226 -24.44 1.58 -20.46
C GLU A 226 -23.61 0.50 -19.82
N LEU A 227 -22.73 -0.09 -20.62
CA LEU A 227 -21.77 -1.04 -20.11
C LEU A 227 -20.91 -0.36 -19.04
N MET A 228 -20.49 0.87 -19.30
CA MET A 228 -19.65 1.60 -18.34
C MET A 228 -20.34 1.87 -17.02
N ARG A 229 -21.61 2.25 -17.05
CA ARG A 229 -22.30 2.48 -15.80
C ARG A 229 -22.26 1.22 -14.92
N LEU A 230 -22.51 0.08 -15.57
CA LEU A 230 -22.50 -1.25 -14.97
C LEU A 230 -21.16 -1.68 -14.44
N TYR A 231 -20.17 -1.48 -15.27
CA TYR A 231 -18.84 -1.82 -14.96
C TYR A 231 -18.36 -1.08 -13.75
N LEU A 232 -18.50 0.24 -13.82
CA LEU A 232 -18.06 1.05 -12.71
C LEU A 232 -18.85 0.80 -11.46
N THR A 233 -20.08 0.39 -11.62
CA THR A 233 -20.89 0.13 -10.46
C THR A 233 -20.49 -1.18 -9.81
N ILE A 234 -20.31 -2.21 -10.63
CA ILE A 234 -20.03 -3.56 -10.17
C ILE A 234 -18.61 -3.80 -9.59
N HIS A 235 -17.59 -3.02 -10.00
CA HIS A 235 -16.25 -3.28 -9.48
C HIS A 235 -15.92 -2.42 -8.28
N SER A 236 -16.95 -1.73 -7.83
CA SER A 236 -16.95 -0.76 -6.75
C SER A 236 -16.21 -1.07 -5.45
N ASP A 237 -16.66 -2.12 -4.83
CA ASP A 237 -16.16 -2.53 -3.57
C ASP A 237 -16.30 -4.01 -3.46
N HIS A 238 -15.49 -4.61 -2.59
CA HIS A 238 -15.51 -6.05 -2.41
C HIS A 238 -15.00 -6.40 -1.03
N GLU A 239 -15.67 -5.80 -0.05
CA GLU A 239 -15.31 -5.90 1.35
C GLU A 239 -13.89 -5.37 1.48
N GLY A 240 -13.34 -5.28 2.70
CA GLY A 240 -12.01 -4.66 2.84
C GLY A 240 -10.77 -5.55 2.92
N GLY A 241 -10.94 -6.86 2.81
CA GLY A 241 -9.80 -7.77 2.85
C GLY A 241 -9.04 -7.93 1.50
N ASN A 242 -9.64 -7.48 0.37
CA ASN A 242 -8.93 -7.58 -0.90
C ASN A 242 -7.72 -6.65 -0.87
N VAL A 243 -6.68 -6.96 -1.64
CA VAL A 243 -5.40 -6.23 -1.65
C VAL A 243 -5.53 -4.74 -1.78
N SER A 244 -6.31 -4.33 -2.76
CA SER A 244 -6.48 -2.91 -2.93
C SER A 244 -7.19 -2.27 -1.74
N ALA A 245 -8.41 -2.70 -1.47
CA ALA A 245 -9.15 -2.17 -0.33
C ALA A 245 -8.27 -2.14 0.93
N HIS A 246 -7.68 -3.29 1.27
CA HIS A 246 -6.81 -3.40 2.44
C HIS A 246 -5.60 -2.48 2.40
N THR A 247 -4.97 -2.37 1.24
CA THR A 247 -3.85 -1.44 1.13
C THR A 247 -4.31 0.01 1.40
N SER A 248 -5.46 0.46 0.86
CA SER A 248 -5.89 1.83 1.12
C SER A 248 -6.17 1.99 2.60
N HIS A 249 -6.72 0.95 3.20
CA HIS A 249 -7.10 0.98 4.59
C HIS A 249 -5.89 1.13 5.49
N LEU A 250 -4.88 0.35 5.18
CA LEU A 250 -3.67 0.31 5.94
C LEU A 250 -2.91 1.62 5.83
N VAL A 251 -2.79 2.11 4.62
CA VAL A 251 -2.11 3.36 4.41
C VAL A 251 -2.87 4.54 5.02
N GLY A 252 -4.19 4.59 4.84
CA GLY A 252 -5.01 5.65 5.39
C GLY A 252 -4.94 5.63 6.92
N SER A 253 -4.92 4.45 7.54
CA SER A 253 -4.86 4.41 8.99
C SER A 253 -3.65 5.17 9.56
N ALA A 254 -2.69 5.49 8.70
CA ALA A 254 -1.48 6.16 9.15
C ALA A 254 -1.62 7.65 9.00
N LEU A 255 -2.81 8.04 8.61
CA LEU A 255 -3.06 9.43 8.36
C LEU A 255 -2.47 9.92 7.02
N SER A 256 -2.08 9.03 6.13
CA SER A 256 -1.67 9.51 4.83
C SER A 256 -2.96 9.98 4.11
N ASP A 257 -2.94 11.06 3.33
CA ASP A 257 -4.13 11.55 2.62
C ASP A 257 -4.71 10.52 1.66
N PRO A 258 -5.88 10.83 1.14
CA PRO A 258 -6.56 9.93 0.26
C PRO A 258 -5.88 9.70 -1.07
N TYR A 259 -5.11 10.68 -1.50
CA TYR A 259 -4.41 10.59 -2.78
C TYR A 259 -3.35 9.51 -2.68
N LEU A 260 -2.62 9.61 -1.58
CA LEU A 260 -1.58 8.65 -1.26
C LEU A 260 -2.12 7.22 -1.00
N SER A 261 -3.21 7.15 -0.25
CA SER A 261 -3.80 5.91 0.10
C SER A 261 -4.32 5.19 -1.13
N PHE A 262 -4.97 5.95 -1.96
CA PHE A 262 -5.47 5.43 -3.19
C PHE A 262 -4.37 4.96 -4.16
N ALA A 263 -3.35 5.78 -4.35
CA ALA A 263 -2.28 5.43 -5.26
C ALA A 263 -1.62 4.12 -4.82
N ALA A 264 -1.47 3.97 -3.51
CA ALA A 264 -0.88 2.75 -2.98
C ALA A 264 -1.70 1.50 -3.33
N ALA A 265 -3.04 1.69 -3.24
CA ALA A 265 -4.04 0.68 -3.56
C ALA A 265 -3.94 0.26 -5.00
N MET A 266 -3.56 1.24 -5.83
CA MET A 266 -3.42 1.05 -7.27
C MET A 266 -2.26 0.12 -7.57
N ASN A 267 -1.22 0.30 -6.79
CA ASN A 267 -0.06 -0.57 -6.85
C ASN A 267 -0.43 -2.02 -6.43
N GLY A 268 -1.43 -2.23 -5.52
CA GLY A 268 -1.89 -3.59 -5.15
C GLY A 268 -2.73 -4.15 -6.27
N LEU A 269 -3.60 -3.29 -6.78
CA LEU A 269 -4.47 -3.65 -7.90
C LEU A 269 -3.73 -4.10 -9.17
N ALA A 270 -2.57 -3.54 -9.39
CA ALA A 270 -1.77 -3.84 -10.56
C ALA A 270 -1.05 -5.19 -10.49
N GLY A 271 -1.30 -5.88 -9.36
CA GLY A 271 -0.67 -7.19 -9.17
C GLY A 271 -1.31 -8.24 -10.04
N PRO A 272 -0.49 -9.09 -10.61
CA PRO A 272 -0.99 -10.12 -11.47
C PRO A 272 -2.01 -11.02 -10.80
N LEU A 273 -1.94 -11.15 -9.46
CA LEU A 273 -2.84 -12.00 -8.69
C LEU A 273 -4.08 -11.25 -8.29
N HIS A 274 -4.07 -9.95 -8.56
CA HIS A 274 -5.18 -9.10 -8.22
C HIS A 274 -5.87 -8.50 -9.48
N GLY A 275 -6.09 -7.20 -9.51
CA GLY A 275 -6.84 -6.57 -10.63
C GLY A 275 -6.25 -6.79 -12.01
N LEU A 276 -4.92 -6.96 -12.10
CA LEU A 276 -4.22 -7.19 -13.34
C LEU A 276 -4.75 -8.45 -14.05
N ALA A 277 -5.43 -9.29 -13.25
CA ALA A 277 -5.99 -10.50 -13.84
C ALA A 277 -6.87 -10.18 -15.09
N ASN A 278 -7.64 -9.08 -15.03
CA ASN A 278 -8.45 -8.46 -16.07
C ASN A 278 -7.83 -8.68 -17.47
N GLN A 279 -6.64 -8.12 -17.53
CA GLN A 279 -5.78 -8.07 -18.63
C GLN A 279 -5.27 -9.45 -19.07
N GLU A 280 -4.73 -10.19 -18.12
CA GLU A 280 -4.25 -11.57 -18.34
C GLU A 280 -5.30 -12.52 -18.91
N VAL A 281 -6.51 -12.47 -18.38
CA VAL A 281 -7.55 -13.30 -18.92
C VAL A 281 -7.65 -12.96 -20.43
N LEU A 282 -7.50 -11.69 -20.82
CA LEU A 282 -7.58 -11.39 -22.27
C LEU A 282 -6.35 -11.80 -23.06
N LEU A 283 -5.19 -11.56 -22.51
CA LEU A 283 -4.04 -12.00 -23.25
C LEU A 283 -4.16 -13.52 -23.40
N TRP A 284 -4.55 -14.22 -22.33
CA TRP A 284 -4.69 -15.66 -22.37
C TRP A 284 -5.72 -16.20 -23.37
N LEU A 285 -6.81 -15.51 -23.46
CA LEU A 285 -7.84 -15.91 -24.32
C LEU A 285 -7.42 -15.75 -25.76
N SER A 286 -6.60 -14.73 -26.04
CA SER A 286 -6.15 -14.46 -27.42
C SER A 286 -5.24 -15.56 -27.91
N GLN A 287 -4.23 -15.86 -27.10
CA GLN A 287 -3.33 -16.91 -27.39
C GLN A 287 -4.12 -18.19 -27.67
N LEU A 288 -5.03 -18.48 -26.78
CA LEU A 288 -5.87 -19.63 -26.93
C LEU A 288 -6.49 -19.65 -28.33
N GLN A 289 -7.12 -18.58 -28.75
CA GLN A 289 -7.77 -18.57 -30.07
C GLN A 289 -6.83 -18.86 -31.19
N LYS A 290 -5.70 -18.19 -31.15
CA LYS A 290 -4.64 -18.32 -32.11
C LYS A 290 -4.29 -19.79 -32.34
N ASP A 291 -4.29 -20.57 -31.27
CA ASP A 291 -3.89 -21.95 -31.44
C ASP A 291 -4.99 -22.83 -31.92
N LEU A 292 -5.95 -22.89 -31.06
CA LEU A 292 -7.07 -23.77 -31.20
C LEU A 292 -7.91 -23.43 -32.38
N GLY A 293 -7.93 -22.15 -32.69
CA GLY A 293 -8.77 -21.68 -33.76
C GLY A 293 -10.11 -21.25 -33.17
N ALA A 294 -11.06 -20.90 -34.02
CA ALA A 294 -12.36 -20.39 -33.59
C ALA A 294 -13.38 -21.38 -33.03
N ASP A 295 -13.65 -22.47 -33.75
CA ASP A 295 -14.65 -23.43 -33.27
C ASP A 295 -14.02 -24.74 -32.75
N ALA A 296 -13.44 -24.62 -31.53
CA ALA A 296 -12.74 -25.69 -30.81
C ALA A 296 -13.69 -26.62 -30.06
N SER A 297 -13.30 -27.88 -29.95
CA SER A 297 -14.11 -28.85 -29.24
C SER A 297 -13.87 -28.84 -27.74
N ASP A 298 -14.87 -29.22 -27.03
CA ASP A 298 -14.67 -29.24 -25.61
C ASP A 298 -13.39 -29.98 -25.21
N GLU A 299 -13.19 -31.12 -25.84
CA GLU A 299 -12.04 -31.98 -25.62
C GLU A 299 -10.71 -31.27 -25.85
N LYS A 300 -10.63 -30.50 -26.95
CA LYS A 300 -9.46 -29.69 -27.30
C LYS A 300 -9.27 -28.58 -26.26
N LEU A 301 -10.39 -28.00 -25.83
CA LEU A 301 -10.39 -26.97 -24.79
C LEU A 301 -9.78 -27.53 -23.51
N ARG A 302 -10.42 -28.59 -23.03
CA ARG A 302 -10.05 -29.31 -21.86
C ARG A 302 -8.54 -29.52 -21.81
N ASP A 303 -8.03 -30.01 -22.92
CA ASP A 303 -6.62 -30.33 -23.05
C ASP A 303 -5.74 -29.13 -22.88
N TYR A 304 -6.08 -28.10 -23.59
CA TYR A 304 -5.39 -26.83 -23.51
C TYR A 304 -5.38 -26.35 -22.05
N ILE A 305 -6.49 -26.61 -21.35
CA ILE A 305 -6.54 -26.24 -19.95
C ILE A 305 -5.52 -27.02 -19.18
N TRP A 306 -5.44 -28.33 -19.44
CA TRP A 306 -4.46 -29.19 -18.78
C TRP A 306 -3.03 -28.80 -19.09
N ASN A 307 -2.79 -28.32 -20.32
CA ASN A 307 -1.46 -27.85 -20.70
C ASN A 307 -0.99 -26.73 -19.81
N THR A 308 -1.92 -25.83 -19.53
CA THR A 308 -1.69 -24.61 -18.78
C THR A 308 -1.28 -24.92 -17.36
N LEU A 309 -2.02 -25.85 -16.76
CA LEU A 309 -1.77 -26.33 -15.42
C LEU A 309 -0.37 -27.01 -15.35
N ASN A 310 -0.08 -27.94 -16.29
CA ASN A 310 1.23 -28.62 -16.39
C ASN A 310 2.39 -27.67 -16.63
N SER A 311 2.14 -26.60 -17.35
CA SER A 311 3.20 -25.61 -17.52
C SER A 311 3.52 -24.94 -16.20
N GLY A 312 2.81 -25.38 -15.14
CA GLY A 312 2.90 -24.81 -13.81
C GLY A 312 2.23 -23.42 -13.74
N ARG A 313 1.24 -23.18 -14.60
CA ARG A 313 0.53 -21.90 -14.65
C ARG A 313 -0.90 -21.99 -14.14
N VAL A 314 -1.47 -20.85 -13.71
CA VAL A 314 -2.87 -20.86 -13.24
C VAL A 314 -3.83 -20.42 -14.33
N VAL A 315 -5.07 -20.91 -14.28
CA VAL A 315 -6.07 -20.50 -15.22
C VAL A 315 -6.50 -19.10 -14.78
N PRO A 316 -6.38 -18.13 -15.65
CA PRO A 316 -6.74 -16.78 -15.24
C PRO A 316 -8.26 -16.52 -15.05
N GLY A 317 -8.59 -15.72 -14.04
CA GLY A 317 -9.96 -15.32 -13.76
C GLY A 317 -10.82 -16.36 -13.08
N TYR A 318 -10.15 -17.39 -12.55
CA TYR A 318 -10.81 -18.47 -11.82
C TYR A 318 -10.26 -18.57 -10.38
N GLY A 319 -11.05 -19.06 -9.42
CA GLY A 319 -10.53 -19.13 -8.06
C GLY A 319 -10.73 -17.77 -7.39
N HIS A 320 -10.58 -17.69 -6.05
CA HIS A 320 -10.79 -16.49 -5.22
C HIS A 320 -10.40 -16.80 -3.78
N ALA A 321 -9.95 -15.81 -3.04
CA ALA A 321 -9.51 -16.09 -1.71
C ALA A 321 -10.65 -16.41 -0.79
N VAL A 322 -11.81 -15.83 -1.08
CA VAL A 322 -12.94 -15.99 -0.20
C VAL A 322 -14.13 -16.68 -0.83
N LEU A 323 -14.43 -16.29 -2.03
CA LEU A 323 -15.56 -16.84 -2.68
C LEU A 323 -15.38 -18.32 -2.81
N ARG A 324 -16.48 -19.04 -2.64
CA ARG A 324 -16.48 -20.48 -2.78
C ARG A 324 -17.41 -20.95 -3.93
N LYS A 325 -18.03 -20.02 -4.64
CA LYS A 325 -18.91 -20.28 -5.79
C LYS A 325 -18.60 -19.32 -6.96
N THR A 326 -19.40 -19.41 -8.04
CA THR A 326 -19.29 -18.48 -9.14
C THR A 326 -19.53 -17.07 -8.62
N ASP A 327 -18.68 -16.12 -8.97
CA ASP A 327 -18.91 -14.72 -8.58
C ASP A 327 -20.18 -14.12 -9.24
N PRO A 328 -21.11 -13.61 -8.42
CA PRO A 328 -22.32 -12.93 -8.91
C PRO A 328 -22.03 -11.82 -9.95
N ARG A 329 -20.85 -11.14 -9.81
CA ARG A 329 -20.33 -10.15 -10.78
C ARG A 329 -20.00 -10.82 -12.12
N TYR A 330 -19.61 -12.12 -12.02
CA TYR A 330 -19.37 -12.91 -13.22
C TYR A 330 -20.71 -13.11 -13.96
N THR A 331 -21.66 -13.60 -13.19
CA THR A 331 -22.98 -13.87 -13.71
C THR A 331 -23.59 -12.63 -14.34
N CYS A 332 -23.62 -11.62 -13.50
CA CYS A 332 -24.11 -10.35 -13.89
C CYS A 332 -23.58 -9.97 -15.28
N GLN A 333 -22.27 -10.13 -15.49
CA GLN A 333 -21.69 -9.79 -16.77
C GLN A 333 -22.10 -10.75 -17.89
N ARG A 334 -22.35 -12.00 -17.52
CA ARG A 334 -22.76 -12.99 -18.52
C ARG A 334 -24.14 -12.69 -19.12
N GLU A 335 -25.03 -12.28 -18.24
CA GLU A 335 -26.36 -11.80 -18.54
C GLU A 335 -26.27 -10.63 -19.54
N PHE A 336 -25.37 -9.70 -19.28
CA PHE A 336 -25.24 -8.58 -20.18
C PHE A 336 -24.77 -9.02 -21.54
N ALA A 337 -23.86 -9.98 -21.59
CA ALA A 337 -23.37 -10.49 -22.88
C ALA A 337 -24.51 -11.21 -23.60
N LEU A 338 -25.18 -12.07 -22.86
CA LEU A 338 -26.27 -12.84 -23.34
C LEU A 338 -27.27 -11.93 -24.03
N LYS A 339 -27.46 -10.77 -23.45
CA LYS A 339 -28.36 -9.80 -24.01
C LYS A 339 -27.80 -8.94 -25.11
N HIS A 340 -26.53 -8.49 -25.02
CA HIS A 340 -26.03 -7.61 -26.05
C HIS A 340 -25.01 -8.15 -27.04
N LEU A 341 -24.37 -9.26 -26.75
CA LEU A 341 -23.37 -9.77 -27.69
C LEU A 341 -23.33 -11.30 -27.71
N PRO A 342 -24.54 -11.85 -27.77
CA PRO A 342 -24.76 -13.26 -27.75
C PRO A 342 -23.88 -14.06 -28.68
N SER A 343 -23.44 -13.45 -29.80
CA SER A 343 -22.66 -14.21 -30.78
C SER A 343 -21.22 -13.83 -30.97
N ASP A 344 -20.71 -13.04 -30.08
CA ASP A 344 -19.30 -12.77 -30.23
C ASP A 344 -18.55 -14.09 -30.04
N PRO A 345 -17.64 -14.37 -30.93
CA PRO A 345 -16.83 -15.58 -30.83
C PRO A 345 -16.02 -15.64 -29.52
N MET A 346 -15.56 -14.51 -29.03
CA MET A 346 -14.78 -14.51 -27.81
C MET A 346 -15.68 -14.72 -26.62
N PHE A 347 -16.84 -14.08 -26.70
CA PHE A 347 -17.83 -14.26 -25.69
C PHE A 347 -18.12 -15.77 -25.60
N LYS A 348 -18.27 -16.40 -26.76
CA LYS A 348 -18.63 -17.81 -26.83
C LYS A 348 -17.57 -18.70 -26.25
N LEU A 349 -16.35 -18.32 -26.44
CA LEU A 349 -15.29 -19.10 -25.91
C LEU A 349 -15.30 -19.00 -24.36
N VAL A 350 -15.58 -17.82 -23.81
CA VAL A 350 -15.69 -17.63 -22.35
C VAL A 350 -16.80 -18.51 -21.79
N ALA A 351 -17.88 -18.52 -22.46
CA ALA A 351 -19.01 -19.34 -22.05
C ALA A 351 -18.68 -20.81 -22.01
N GLN A 352 -17.93 -21.28 -23.01
CA GLN A 352 -17.47 -22.67 -23.15
C GLN A 352 -16.56 -23.06 -22.00
N LEU A 353 -15.66 -22.17 -21.70
CA LEU A 353 -14.68 -22.39 -20.65
C LEU A 353 -15.40 -22.60 -19.35
N TYR A 354 -16.48 -21.83 -19.22
CA TYR A 354 -17.29 -21.82 -18.02
C TYR A 354 -17.78 -23.21 -17.68
N LYS A 355 -18.08 -24.00 -18.73
CA LYS A 355 -18.54 -25.36 -18.55
C LYS A 355 -17.43 -26.35 -18.44
N ILE A 356 -16.23 -25.99 -18.90
CA ILE A 356 -15.12 -26.89 -18.84
C ILE A 356 -14.20 -26.67 -17.65
N VAL A 357 -13.81 -25.41 -17.46
CA VAL A 357 -12.81 -25.12 -16.44
C VAL A 357 -13.00 -25.70 -15.02
N PRO A 358 -14.19 -25.49 -14.42
CA PRO A 358 -14.44 -25.92 -13.06
C PRO A 358 -14.30 -27.41 -12.78
N ASN A 359 -14.50 -28.21 -13.82
CA ASN A 359 -14.36 -29.65 -13.71
C ASN A 359 -12.90 -30.07 -13.66
N VAL A 360 -12.10 -29.41 -14.47
CA VAL A 360 -10.70 -29.67 -14.50
C VAL A 360 -10.10 -29.22 -13.17
N LEU A 361 -10.55 -28.09 -12.70
CA LEU A 361 -9.99 -27.58 -11.48
C LEU A 361 -10.34 -28.47 -10.30
N LEU A 362 -11.57 -29.00 -10.37
CA LEU A 362 -12.10 -29.90 -9.36
C LEU A 362 -11.20 -31.17 -9.33
N GLU A 363 -10.98 -31.67 -10.54
CA GLU A 363 -10.14 -32.81 -10.80
C GLU A 363 -8.73 -32.56 -10.31
N GLN A 364 -8.17 -31.42 -10.67
CA GLN A 364 -6.81 -31.20 -10.25
C GLN A 364 -6.62 -31.15 -8.72
N GLY A 365 -7.72 -30.93 -8.03
CA GLY A 365 -7.77 -30.92 -6.58
C GLY A 365 -7.01 -29.85 -5.85
N LYS A 366 -6.63 -28.76 -6.52
CA LYS A 366 -5.87 -27.74 -5.81
C LYS A 366 -6.65 -26.55 -5.27
N ALA A 367 -7.38 -25.92 -6.18
CA ALA A 367 -8.14 -24.74 -5.86
C ALA A 367 -9.34 -24.89 -4.88
N LYS A 368 -9.35 -24.08 -3.82
CA LYS A 368 -10.49 -24.11 -2.90
C LYS A 368 -11.78 -23.71 -3.65
N ASN A 369 -11.65 -22.88 -4.73
CA ASN A 369 -12.75 -22.42 -5.56
C ASN A 369 -12.43 -22.70 -7.04
N PRO A 370 -13.21 -23.59 -7.67
CA PRO A 370 -12.98 -23.89 -9.08
C PRO A 370 -13.90 -23.13 -10.02
N TRP A 371 -14.58 -22.07 -9.52
CA TRP A 371 -15.49 -21.23 -10.25
C TRP A 371 -14.88 -19.90 -10.64
N PRO A 372 -15.48 -19.26 -11.63
CA PRO A 372 -14.96 -17.97 -12.13
C PRO A 372 -15.16 -16.73 -11.23
N ASN A 373 -14.28 -15.73 -11.40
CA ASN A 373 -14.41 -14.49 -10.70
C ASN A 373 -14.66 -13.35 -11.67
N VAL A 374 -14.94 -12.17 -11.12
CA VAL A 374 -15.24 -11.02 -11.98
C VAL A 374 -14.36 -10.82 -13.20
N ASP A 375 -13.05 -10.92 -12.98
CA ASP A 375 -12.03 -10.67 -14.01
C ASP A 375 -12.09 -11.63 -15.20
N ALA A 376 -12.90 -12.67 -15.10
CA ALA A 376 -12.95 -13.66 -16.19
C ALA A 376 -13.86 -13.25 -17.30
N HIS A 377 -14.71 -12.26 -17.02
CA HIS A 377 -15.73 -11.94 -17.96
C HIS A 377 -15.78 -10.50 -18.42
N SER A 378 -14.96 -9.66 -17.83
CA SER A 378 -14.99 -8.24 -18.12
C SER A 378 -14.33 -7.80 -19.42
N GLY A 379 -13.12 -8.27 -19.65
CA GLY A 379 -12.43 -7.89 -20.86
C GLY A 379 -13.22 -8.23 -22.11
N VAL A 380 -13.91 -9.38 -22.14
CA VAL A 380 -14.66 -9.67 -23.37
C VAL A 380 -15.71 -8.62 -23.74
N LEU A 381 -16.33 -8.00 -22.73
CA LEU A 381 -17.35 -7.00 -22.97
C LEU A 381 -16.72 -5.77 -23.62
N LEU A 382 -15.59 -5.33 -23.07
CA LEU A 382 -14.86 -4.18 -23.58
C LEU A 382 -14.47 -4.30 -25.04
N GLN A 383 -13.70 -5.36 -25.28
CA GLN A 383 -13.20 -5.76 -26.58
C GLN A 383 -14.29 -5.61 -27.68
N TYR A 384 -15.47 -6.16 -27.40
CA TYR A 384 -16.63 -6.16 -28.28
C TYR A 384 -17.05 -4.78 -28.76
N TYR A 385 -16.98 -3.82 -27.84
CA TYR A 385 -17.25 -2.42 -28.10
C TYR A 385 -16.05 -1.60 -28.65
N GLY A 386 -14.98 -2.30 -29.04
CA GLY A 386 -13.84 -1.60 -29.57
C GLY A 386 -12.76 -1.29 -28.57
N MET A 387 -12.98 -1.44 -27.27
CA MET A 387 -11.88 -1.13 -26.38
C MET A 387 -10.98 -2.37 -26.25
N THR A 388 -10.12 -2.53 -27.21
CA THR A 388 -9.28 -3.68 -27.38
C THR A 388 -7.88 -3.60 -26.80
N GLU A 389 -7.59 -2.52 -26.09
CA GLU A 389 -6.29 -2.33 -25.49
C GLU A 389 -6.26 -2.79 -24.04
N MET A 390 -6.01 -4.08 -23.91
CA MET A 390 -6.03 -4.82 -22.65
C MET A 390 -5.12 -4.39 -21.55
N ASN A 391 -4.06 -3.66 -21.87
CA ASN A 391 -3.16 -3.16 -20.84
C ASN A 391 -3.80 -2.04 -20.05
N TYR A 392 -4.92 -1.59 -20.55
CA TYR A 392 -5.66 -0.51 -19.97
C TYR A 392 -6.78 -0.98 -19.11
N TYR A 393 -7.19 -2.23 -19.30
CA TYR A 393 -8.29 -2.86 -18.56
C TYR A 393 -8.35 -2.68 -17.07
N THR A 394 -7.20 -2.81 -16.41
CA THR A 394 -7.17 -2.63 -14.97
C THR A 394 -7.34 -1.16 -14.53
N VAL A 395 -7.04 -0.23 -15.42
CA VAL A 395 -7.24 1.16 -15.11
C VAL A 395 -8.73 1.41 -14.83
N LEU A 396 -9.58 0.82 -15.64
CA LEU A 396 -11.01 1.02 -15.47
C LEU A 396 -11.49 0.39 -14.16
N PHE A 397 -10.88 -0.73 -13.79
CA PHE A 397 -11.20 -1.39 -12.55
C PHE A 397 -10.84 -0.45 -11.40
N GLY A 398 -9.65 0.19 -11.52
CA GLY A 398 -9.15 1.12 -10.52
C GLY A 398 -10.06 2.33 -10.36
N VAL A 399 -10.54 2.86 -11.48
CA VAL A 399 -11.45 3.99 -11.45
C VAL A 399 -12.70 3.62 -10.66
N SER A 400 -13.14 2.39 -10.85
CA SER A 400 -14.33 1.84 -10.18
C SER A 400 -14.12 1.63 -8.70
N ARG A 401 -13.04 0.97 -8.40
CA ARG A 401 -12.69 0.66 -7.03
C ARG A 401 -12.51 1.90 -6.09
N ALA A 402 -12.22 3.08 -6.65
CA ALA A 402 -12.06 4.30 -5.85
C ALA A 402 -13.35 4.56 -5.08
N LEU A 403 -14.48 4.12 -5.67
CA LEU A 403 -15.77 4.28 -5.00
C LEU A 403 -15.85 3.55 -3.65
N GLY A 404 -15.60 2.25 -3.62
CA GLY A 404 -15.69 1.54 -2.35
C GLY A 404 -14.70 2.05 -1.32
N VAL A 405 -13.43 1.95 -1.69
CA VAL A 405 -12.32 2.38 -0.85
C VAL A 405 -12.45 3.80 -0.29
N LEU A 406 -12.86 4.77 -1.09
CA LEU A 406 -12.97 6.14 -0.57
C LEU A 406 -14.17 6.27 0.34
N ALA A 407 -15.22 5.48 0.06
CA ALA A 407 -16.43 5.49 0.87
C ALA A 407 -16.16 5.04 2.32
N GLN A 408 -15.31 4.02 2.49
CA GLN A 408 -14.91 3.49 3.80
C GLN A 408 -13.83 4.35 4.46
N LEU A 409 -13.02 4.93 3.61
CA LEU A 409 -11.96 5.77 4.12
C LEU A 409 -12.52 6.87 5.04
N ILE A 410 -13.56 7.49 4.56
CA ILE A 410 -14.26 8.53 5.24
C ILE A 410 -14.81 7.98 6.54
N TRP A 411 -15.32 6.73 6.47
CA TRP A 411 -15.93 6.12 7.61
C TRP A 411 -14.91 5.77 8.66
N SER A 412 -13.76 5.27 8.22
CA SER A 412 -12.72 4.91 9.17
C SER A 412 -12.26 6.11 9.94
N ARG A 413 -12.21 7.25 9.24
CA ARG A 413 -11.77 8.49 9.85
C ARG A 413 -12.89 9.01 10.71
N ALA A 414 -14.07 8.99 10.16
CA ALA A 414 -15.23 9.38 10.94
C ALA A 414 -15.32 8.54 12.22
N LEU A 415 -14.96 7.28 12.14
CA LEU A 415 -15.11 6.41 13.28
C LEU A 415 -13.86 6.27 14.16
N GLY A 416 -12.80 6.93 13.73
CA GLY A 416 -11.54 6.96 14.45
C GLY A 416 -10.77 5.67 14.48
N PHE A 417 -10.80 4.87 13.41
CA PHE A 417 -10.05 3.66 13.53
C PHE A 417 -8.62 4.06 13.64
N PRO A 418 -7.87 3.34 14.43
CA PRO A 418 -6.46 3.67 14.57
C PRO A 418 -5.57 3.07 13.52
N LEU A 419 -4.27 3.20 13.83
CA LEU A 419 -3.17 2.66 13.07
C LEU A 419 -3.23 1.14 12.95
N GLU A 420 -3.19 0.65 11.71
CA GLU A 420 -3.19 -0.79 11.53
C GLU A 420 -1.78 -1.29 11.74
N ARG A 421 -1.56 -1.96 12.83
CA ARG A 421 -0.22 -2.41 13.17
C ARG A 421 -0.26 -3.69 13.97
N PRO A 422 -0.11 -4.77 13.20
CA PRO A 422 -0.06 -6.11 13.74
C PRO A 422 1.35 -6.42 14.22
N LYS A 423 1.46 -7.66 14.73
CA LYS A 423 2.65 -8.31 15.24
C LYS A 423 3.17 -9.40 14.27
N SER A 424 4.40 -9.23 13.82
CA SER A 424 5.09 -10.10 12.91
C SER A 424 5.78 -11.10 13.79
N MET A 425 6.15 -12.21 13.19
CA MET A 425 6.79 -13.32 13.84
C MET A 425 7.76 -13.94 12.89
N SER A 426 8.88 -14.42 13.36
CA SER A 426 9.74 -15.16 12.46
C SER A 426 9.45 -16.67 12.62
N THR A 427 9.93 -17.49 11.68
CA THR A 427 9.70 -18.90 11.77
C THR A 427 10.32 -19.42 13.02
N ALA A 428 11.56 -19.01 13.20
CA ALA A 428 12.30 -19.42 14.37
C ALA A 428 11.54 -19.10 15.65
N GLY A 429 11.10 -17.85 15.78
CA GLY A 429 10.38 -17.47 16.97
C GLY A 429 9.06 -18.19 17.07
N LEU A 430 8.50 -18.43 15.92
CA LEU A 430 7.24 -19.10 15.94
C LEU A 430 7.41 -20.50 16.52
N GLU A 431 8.47 -21.14 16.03
CA GLU A 431 8.82 -22.49 16.43
C GLU A 431 9.02 -22.50 17.91
N LYS A 432 9.93 -21.65 18.36
CA LYS A 432 10.21 -21.49 19.76
C LYS A 432 8.92 -21.32 20.57
N LEU A 433 8.00 -20.55 20.02
CA LEU A 433 6.71 -20.26 20.65
C LEU A 433 5.94 -21.54 20.89
N SER A 434 6.02 -22.47 19.90
CA SER A 434 5.34 -23.77 19.91
C SER A 434 6.15 -24.97 20.46
N ALA A 435 7.30 -25.26 19.85
CA ALA A 435 8.20 -26.39 20.15
C ALA A 435 9.05 -26.69 18.92
N GLY A 436 8.55 -26.23 17.78
CA GLY A 436 9.22 -26.42 16.51
C GLY A 436 8.75 -27.69 15.84
N GLY A 437 9.21 -27.90 14.61
CA GLY A 437 8.80 -29.09 13.88
C GLY A 437 9.70 -29.21 12.68
N THR B 4 30.61 -12.02 -1.76
CA THR B 4 31.10 -12.74 -2.91
C THR B 4 30.01 -13.62 -3.57
N ASN B 5 29.11 -12.98 -4.28
CA ASN B 5 27.98 -13.69 -4.87
C ASN B 5 26.74 -13.96 -4.04
N LEU B 6 26.19 -12.88 -3.48
CA LEU B 6 25.02 -13.02 -2.64
C LEU B 6 23.92 -13.88 -3.29
N LYS B 7 23.80 -13.84 -4.62
CA LYS B 7 22.75 -14.64 -5.29
C LYS B 7 22.94 -16.15 -5.11
N ASP B 8 24.20 -16.61 -5.06
CA ASP B 8 24.59 -18.02 -4.92
C ASP B 8 24.33 -18.47 -3.51
N VAL B 9 24.80 -17.60 -2.63
CA VAL B 9 24.53 -17.78 -1.24
C VAL B 9 23.06 -18.05 -0.98
N LEU B 10 22.21 -17.20 -1.53
CA LEU B 10 20.78 -17.37 -1.36
C LEU B 10 20.33 -18.69 -1.97
N ALA B 11 20.75 -18.87 -3.19
CA ALA B 11 20.41 -20.07 -3.89
C ALA B 11 20.53 -21.34 -3.05
N SER B 12 21.42 -21.37 -2.05
CA SER B 12 21.58 -22.60 -1.25
C SER B 12 20.91 -22.58 0.11
N LEU B 13 20.65 -21.39 0.64
CA LEU B 13 20.03 -21.22 1.93
C LEU B 13 18.53 -21.56 1.82
N ILE B 14 18.01 -21.27 0.63
CA ILE B 14 16.60 -21.33 0.29
C ILE B 14 15.89 -22.64 0.53
N PRO B 15 16.36 -23.67 -0.15
CA PRO B 15 15.74 -24.97 -0.03
C PRO B 15 15.90 -25.53 1.38
N LYS B 16 16.90 -25.04 2.15
CA LYS B 16 17.04 -25.58 3.51
C LYS B 16 15.83 -25.19 4.30
N GLU B 17 15.51 -23.93 4.10
CA GLU B 17 14.46 -23.24 4.76
C GLU B 17 13.10 -23.64 4.25
N GLN B 18 13.01 -23.93 2.94
CA GLN B 18 11.73 -24.36 2.49
C GLN B 18 11.40 -25.65 3.23
N ALA B 19 12.43 -26.50 3.36
CA ALA B 19 12.28 -27.79 3.99
C ALA B 19 11.76 -27.66 5.41
N ARG B 20 12.49 -26.84 6.11
CA ARG B 20 12.27 -26.49 7.49
C ARG B 20 10.81 -26.12 7.81
N ILE B 21 10.25 -25.23 7.03
CA ILE B 21 8.90 -24.76 7.25
C ILE B 21 7.84 -25.86 7.01
N LYS B 22 8.00 -26.54 5.87
CA LYS B 22 7.06 -27.57 5.45
C LYS B 22 6.83 -28.57 6.56
N THR B 23 7.92 -29.15 6.97
CA THR B 23 7.91 -30.09 8.04
C THR B 23 7.26 -29.47 9.27
N PHE B 24 7.63 -28.21 9.56
CA PHE B 24 7.08 -27.51 10.71
C PHE B 24 5.56 -27.31 10.57
N ARG B 25 5.13 -26.93 9.37
CA ARG B 25 3.73 -26.69 9.09
C ARG B 25 2.93 -27.96 9.14
N GLN B 26 3.59 -29.04 8.76
CA GLN B 26 2.98 -30.36 8.79
C GLN B 26 2.59 -30.70 10.23
N GLN B 27 3.49 -30.36 11.13
CA GLN B 27 3.34 -30.60 12.56
C GLN B 27 2.37 -29.67 13.28
N HIS B 28 2.56 -28.33 13.12
CA HIS B 28 1.79 -27.31 13.84
C HIS B 28 0.83 -26.44 13.02
N GLY B 29 0.72 -26.76 11.77
CA GLY B 29 -0.19 -26.02 10.94
C GLY B 29 -1.45 -25.57 11.65
N ASN B 30 -2.01 -26.45 12.43
CA ASN B 30 -3.28 -26.09 13.02
C ASN B 30 -3.20 -25.73 14.46
N THR B 31 -1.98 -25.73 14.95
CA THR B 31 -1.78 -25.31 16.30
C THR B 31 -2.08 -23.81 16.39
N ALA B 32 -2.80 -23.44 17.45
CA ALA B 32 -3.22 -22.07 17.73
C ALA B 32 -2.16 -21.25 18.43
N VAL B 33 -1.97 -20.03 17.93
CA VAL B 33 -0.99 -19.14 18.49
C VAL B 33 -1.69 -17.89 18.98
N GLY B 34 -3.01 -17.90 18.95
CA GLY B 34 -3.69 -16.70 19.37
C GLY B 34 -5.19 -16.75 19.17
N GLN B 35 -5.81 -15.67 19.64
CA GLN B 35 -7.24 -15.39 19.72
C GLN B 35 -7.56 -13.99 19.14
N ILE B 36 -8.55 -13.89 18.30
CA ILE B 36 -8.87 -12.61 17.71
C ILE B 36 -10.03 -12.05 18.49
N THR B 37 -9.93 -10.81 19.01
CA THR B 37 -11.04 -10.24 19.77
C THR B 37 -11.75 -9.08 19.11
N VAL B 38 -12.94 -8.80 19.56
CA VAL B 38 -13.68 -7.71 18.97
C VAL B 38 -12.88 -6.41 18.95
N ASP B 39 -12.08 -6.24 19.96
CA ASP B 39 -11.34 -5.02 20.09
C ASP B 39 -10.13 -5.02 19.20
N MET B 40 -9.58 -6.20 18.91
CA MET B 40 -8.43 -6.27 18.03
C MET B 40 -8.73 -5.79 16.66
N SER B 41 -9.96 -6.11 16.22
CA SER B 41 -10.51 -5.80 14.92
C SER B 41 -10.77 -4.32 14.76
N TYR B 42 -11.33 -3.73 15.80
CA TYR B 42 -11.56 -2.31 15.80
C TYR B 42 -10.24 -1.56 16.07
N GLY B 43 -9.28 -2.23 16.67
CA GLY B 43 -8.02 -1.58 17.05
C GLY B 43 -6.80 -1.79 16.18
N GLY B 44 -6.99 -1.86 14.84
CA GLY B 44 -5.86 -1.97 13.89
C GLY B 44 -5.00 -3.20 14.11
N MET B 45 -5.69 -4.28 14.41
CA MET B 45 -5.00 -5.52 14.67
C MET B 45 -4.01 -5.39 15.83
N ARG B 46 -4.29 -4.47 16.72
CA ARG B 46 -3.36 -4.34 17.81
C ARG B 46 -3.23 -5.60 18.62
N GLY B 47 -2.00 -6.06 18.69
CA GLY B 47 -1.69 -7.28 19.42
C GLY B 47 -2.02 -8.56 18.64
N MET B 48 -2.46 -8.48 17.38
CA MET B 48 -2.67 -9.75 16.73
C MET B 48 -1.39 -10.17 16.05
N LYS B 49 -1.03 -11.46 16.20
CA LYS B 49 0.16 -11.98 15.53
C LYS B 49 -0.31 -12.53 14.22
N GLY B 50 -0.27 -11.69 13.17
CA GLY B 50 -0.83 -12.09 11.89
C GLY B 50 0.10 -12.24 10.68
N LEU B 51 1.40 -12.07 10.83
CA LEU B 51 2.34 -12.15 9.73
C LEU B 51 3.60 -12.93 10.06
N ILE B 52 4.17 -13.65 9.10
CA ILE B 52 5.49 -14.25 9.25
C ILE B 52 6.50 -13.32 8.50
N TYR B 53 7.42 -12.67 9.25
CA TYR B 53 8.44 -11.77 8.76
C TYR B 53 9.78 -12.13 9.39
N GLU B 54 10.74 -12.52 8.52
CA GLU B 54 12.03 -13.11 8.85
C GLU B 54 13.25 -12.30 9.16
N THR B 55 13.39 -11.20 8.45
CA THR B 55 14.57 -10.37 8.54
C THR B 55 14.77 -9.76 9.90
N SER B 56 13.66 -9.54 10.62
CA SER B 56 13.76 -8.94 11.94
C SER B 56 12.57 -9.17 12.84
N VAL B 57 12.86 -9.08 14.14
CA VAL B 57 11.85 -9.25 15.19
C VAL B 57 11.91 -8.16 16.26
N LEU B 58 10.74 -7.80 16.68
CA LEU B 58 10.68 -6.77 17.64
C LEU B 58 10.16 -7.24 18.99
N ASP B 59 10.95 -6.92 20.01
CA ASP B 59 10.64 -7.23 21.38
C ASP B 59 10.16 -5.98 22.08
N PRO B 60 8.99 -6.07 22.71
CA PRO B 60 8.45 -4.88 23.33
C PRO B 60 9.32 -4.21 24.36
N ASP B 61 10.13 -5.00 25.06
CA ASP B 61 10.95 -4.49 26.13
C ASP B 61 12.35 -4.22 25.73
N GLU B 62 12.87 -5.03 24.85
CA GLU B 62 14.24 -4.94 24.43
C GLU B 62 14.47 -4.26 23.06
N GLY B 63 13.44 -4.22 22.23
CA GLY B 63 13.59 -3.65 20.92
C GLY B 63 13.84 -4.70 19.82
N ILE B 64 14.37 -4.15 18.74
CA ILE B 64 14.66 -4.80 17.48
C ILE B 64 15.91 -5.64 17.50
N ARG B 65 15.75 -6.76 16.88
CA ARG B 65 16.82 -7.64 16.64
C ARG B 65 16.73 -7.97 15.19
N PHE B 66 17.86 -7.79 14.54
CA PHE B 66 18.09 -8.04 13.15
C PHE B 66 18.73 -9.39 13.06
N ARG B 67 17.96 -10.34 12.57
CA ARG B 67 18.46 -11.68 12.45
C ARG B 67 19.10 -12.23 13.71
N GLY B 68 18.55 -11.81 14.85
CA GLY B 68 18.98 -12.24 16.16
C GLY B 68 19.91 -11.30 16.86
N PHE B 69 20.33 -10.25 16.14
CA PHE B 69 21.26 -9.32 16.73
C PHE B 69 20.66 -8.01 17.12
N SER B 70 21.09 -7.58 18.24
CA SER B 70 20.67 -6.32 18.73
C SER B 70 21.49 -5.23 18.04
N ILE B 71 21.08 -3.97 18.23
CA ILE B 71 21.80 -2.84 17.66
C ILE B 71 23.27 -2.73 18.10
N PRO B 72 23.53 -2.92 19.37
CA PRO B 72 24.89 -2.82 19.81
C PRO B 72 25.67 -3.96 19.25
N GLU B 73 25.04 -5.10 19.21
CA GLU B 73 25.73 -6.22 18.67
C GLU B 73 26.13 -5.93 17.26
N CYS B 74 25.20 -5.38 16.47
CA CYS B 74 25.56 -5.05 15.10
C CYS B 74 26.68 -4.04 15.01
N GLN B 75 26.56 -3.02 15.87
CA GLN B 75 27.49 -1.92 15.94
C GLN B 75 28.91 -2.44 16.11
N LYS B 76 29.03 -3.55 16.84
CA LYS B 76 30.31 -4.17 17.08
C LYS B 76 30.72 -5.16 16.00
N LEU B 77 29.78 -5.95 15.59
CA LEU B 77 30.05 -6.98 14.64
C LEU B 77 30.28 -6.55 13.18
N LEU B 78 29.41 -5.69 12.66
CA LEU B 78 29.51 -5.29 11.25
C LEU B 78 30.72 -4.50 10.81
N PRO B 79 31.13 -4.78 9.60
CA PRO B 79 32.25 -4.03 9.10
C PRO B 79 32.05 -2.49 9.02
N LYS B 80 33.12 -1.79 9.37
CA LYS B 80 33.12 -0.37 9.31
C LYS B 80 33.85 0.09 8.07
N ALA B 81 33.87 1.38 7.87
CA ALA B 81 34.59 1.90 6.76
C ALA B 81 36.05 2.04 7.14
N GLY B 82 36.89 2.29 6.10
CA GLY B 82 38.33 2.53 6.16
C GLY B 82 38.79 2.85 7.56
N GLY B 83 38.32 3.95 8.10
CA GLY B 83 38.70 4.23 9.47
C GLY B 83 37.53 4.75 10.29
N GLY B 84 36.34 4.12 10.11
CA GLY B 84 35.16 4.59 10.81
C GLY B 84 34.83 3.89 12.14
N GLU B 85 33.69 4.28 12.64
CA GLU B 85 33.21 3.72 13.83
C GLU B 85 31.79 3.22 13.59
N GLU B 86 31.10 3.76 12.58
CA GLU B 86 29.72 3.35 12.30
C GLU B 86 29.62 2.26 11.23
N PRO B 87 28.81 1.23 11.52
CA PRO B 87 28.62 0.09 10.63
C PRO B 87 28.07 0.53 9.30
N LEU B 88 28.56 -0.12 8.25
CA LEU B 88 28.12 0.15 6.90
C LEU B 88 26.78 -0.61 6.62
N PRO B 89 25.79 0.04 6.01
CA PRO B 89 24.50 -0.59 5.71
C PRO B 89 24.61 -1.80 4.82
N GLU B 90 25.62 -1.84 3.97
CA GLU B 90 25.88 -3.01 3.12
C GLU B 90 25.98 -4.30 3.95
N GLY B 91 26.67 -4.22 5.08
CA GLY B 91 26.83 -5.37 5.98
C GLY B 91 25.48 -5.88 6.50
N LEU B 92 24.71 -4.89 6.95
CA LEU B 92 23.42 -5.05 7.51
C LEU B 92 22.55 -5.81 6.53
N PHE B 93 22.51 -5.27 5.32
CA PHE B 93 21.78 -5.86 4.22
C PHE B 93 22.21 -7.32 4.02
N TRP B 94 23.51 -7.59 3.97
CA TRP B 94 23.97 -8.96 3.81
C TRP B 94 23.45 -9.81 4.97
N LEU B 95 23.64 -9.33 6.19
CA LEU B 95 23.11 -9.97 7.39
C LEU B 95 21.58 -10.26 7.31
N LEU B 96 20.80 -9.26 6.87
CA LEU B 96 19.34 -9.43 6.85
C LEU B 96 18.98 -10.45 5.87
N VAL B 97 19.73 -10.50 4.77
CA VAL B 97 19.40 -11.43 3.68
C VAL B 97 19.84 -12.86 3.87
N THR B 98 21.09 -12.98 4.39
CA THR B 98 21.81 -14.21 4.66
C THR B 98 21.56 -14.78 6.06
N GLY B 99 21.48 -13.92 7.05
CA GLY B 99 21.34 -14.43 8.39
C GLY B 99 22.74 -14.53 9.07
N GLN B 100 23.77 -14.16 8.31
CA GLN B 100 25.12 -14.25 8.79
C GLN B 100 25.90 -12.98 8.57
N ILE B 101 26.77 -12.75 9.55
CA ILE B 101 27.69 -11.66 9.57
C ILE B 101 28.60 -11.74 8.35
N PRO B 102 28.58 -10.64 7.63
CA PRO B 102 29.37 -10.55 6.41
C PRO B 102 30.79 -10.26 6.76
N THR B 103 31.70 -10.72 5.95
CA THR B 103 33.09 -10.37 6.15
C THR B 103 33.29 -9.01 5.46
N PRO B 104 34.46 -8.41 5.56
CA PRO B 104 34.70 -7.15 4.87
C PRO B 104 34.73 -7.29 3.35
N GLU B 105 35.11 -8.47 2.90
CA GLU B 105 35.15 -8.72 1.49
C GLU B 105 33.73 -8.78 0.93
N GLN B 106 32.86 -9.41 1.68
CA GLN B 106 31.52 -9.52 1.29
C GLN B 106 30.90 -8.15 1.16
N VAL B 107 31.14 -7.35 2.19
CA VAL B 107 30.64 -6.01 2.28
C VAL B 107 31.10 -5.16 1.07
N SER B 108 32.36 -5.32 0.70
CA SER B 108 32.91 -4.58 -0.42
C SER B 108 32.28 -4.97 -1.70
N TRP B 109 32.00 -6.24 -1.78
CA TRP B 109 31.37 -6.73 -2.96
C TRP B 109 30.04 -6.05 -3.17
N VAL B 110 29.29 -5.82 -2.09
CA VAL B 110 27.97 -5.19 -2.19
C VAL B 110 28.07 -3.74 -2.63
N SER B 111 28.93 -2.99 -1.94
CA SER B 111 29.17 -1.63 -2.28
C SER B 111 29.31 -1.53 -3.78
N LYS B 112 30.24 -2.34 -4.27
CA LYS B 112 30.61 -2.45 -5.69
C LYS B 112 29.45 -2.79 -6.59
N GLU B 113 28.62 -3.69 -6.12
CA GLU B 113 27.46 -4.13 -6.84
C GLU B 113 26.48 -3.01 -6.91
N TRP B 114 26.31 -2.32 -5.76
CA TRP B 114 25.39 -1.19 -5.73
C TRP B 114 25.88 -0.03 -6.57
N ALA B 115 27.22 0.09 -6.80
CA ALA B 115 27.76 1.15 -7.70
C ALA B 115 27.49 0.89 -9.19
N LYS B 116 27.66 -0.37 -9.63
CA LYS B 116 27.46 -0.81 -11.02
C LYS B 116 25.98 -0.78 -11.44
N ARG B 117 25.07 -0.82 -10.47
CA ARG B 117 23.66 -0.84 -10.84
C ARG B 117 22.97 0.51 -10.73
N ALA B 118 23.61 1.50 -10.13
CA ALA B 118 23.01 2.84 -9.95
C ALA B 118 22.95 3.50 -11.30
N ALA B 119 21.76 3.68 -11.83
CA ALA B 119 21.63 4.29 -13.16
C ALA B 119 20.19 4.55 -13.40
N LEU B 120 19.89 5.80 -13.77
CA LEU B 120 18.53 6.17 -13.96
C LEU B 120 18.08 6.26 -15.42
N PRO B 121 16.86 5.77 -15.69
CA PRO B 121 16.29 5.97 -17.01
C PRO B 121 15.93 7.46 -17.09
N SER B 122 16.04 7.95 -18.30
CA SER B 122 15.79 9.35 -18.58
C SER B 122 14.37 9.77 -18.26
N HIS B 123 13.39 8.87 -18.45
CA HIS B 123 12.02 9.26 -18.17
C HIS B 123 11.87 9.64 -16.72
N VAL B 124 12.56 8.93 -15.85
CA VAL B 124 12.54 9.31 -14.46
C VAL B 124 13.20 10.72 -14.26
N VAL B 125 14.39 10.84 -14.84
CA VAL B 125 15.11 12.09 -14.76
C VAL B 125 14.25 13.31 -15.10
N THR B 126 13.59 13.28 -16.24
CA THR B 126 12.72 14.35 -16.75
C THR B 126 11.61 14.70 -15.77
N MET B 127 10.92 13.67 -15.39
CA MET B 127 9.87 13.75 -14.39
C MET B 127 10.39 14.51 -13.16
N LEU B 128 11.47 14.01 -12.59
CA LEU B 128 11.96 14.67 -11.41
C LEU B 128 12.25 16.11 -11.67
N ASP B 129 12.80 16.34 -12.86
CA ASP B 129 13.19 17.69 -13.25
C ASP B 129 12.02 18.63 -13.50
N ASN B 130 10.83 18.10 -13.80
CA ASN B 130 9.63 18.91 -14.05
C ASN B 130 8.72 19.03 -12.82
N PHE B 131 9.05 18.34 -11.76
CA PHE B 131 8.21 18.43 -10.60
C PHE B 131 8.24 19.85 -10.07
N PRO B 132 7.14 20.29 -9.46
CA PRO B 132 7.07 21.60 -8.83
C PRO B 132 7.64 21.52 -7.41
N THR B 133 7.97 22.66 -6.89
CA THR B 133 8.57 22.72 -5.58
C THR B 133 7.61 22.62 -4.44
N ASN B 134 6.31 22.56 -4.79
CA ASN B 134 5.20 22.46 -3.84
C ASN B 134 4.79 21.00 -3.62
N LEU B 135 5.35 20.10 -4.43
CA LEU B 135 5.08 18.66 -4.31
C LEU B 135 6.06 18.10 -3.29
N HIS B 136 5.55 17.54 -2.22
CA HIS B 136 6.33 16.98 -1.17
C HIS B 136 7.35 15.94 -1.64
N PRO B 137 8.53 16.00 -1.06
CA PRO B 137 9.61 15.09 -1.39
C PRO B 137 9.24 13.59 -1.32
N MET B 138 8.41 13.21 -0.36
CA MET B 138 8.04 11.82 -0.34
C MET B 138 7.17 11.51 -1.56
N SER B 139 6.30 12.45 -1.95
CA SER B 139 5.44 12.18 -3.09
C SER B 139 6.26 12.04 -4.34
N GLN B 140 7.26 12.90 -4.43
CA GLN B 140 8.17 12.85 -5.57
C GLN B 140 8.88 11.53 -5.60
N LEU B 141 9.40 11.12 -4.45
CA LEU B 141 10.11 9.88 -4.31
C LEU B 141 9.24 8.72 -4.73
N SER B 142 8.09 8.68 -4.11
CA SER B 142 7.15 7.64 -4.39
C SER B 142 6.79 7.53 -5.89
N ALA B 143 6.41 8.68 -6.51
CA ALA B 143 6.02 8.70 -7.91
C ALA B 143 7.15 8.29 -8.85
N ALA B 144 8.39 8.68 -8.49
CA ALA B 144 9.58 8.36 -9.27
C ALA B 144 9.85 6.87 -9.31
N ILE B 145 9.57 6.20 -8.16
CA ILE B 145 9.81 4.77 -8.03
C ILE B 145 8.84 3.92 -8.81
N THR B 146 7.58 4.41 -8.76
CA THR B 146 6.53 3.77 -9.46
C THR B 146 6.86 3.72 -10.94
N ALA B 147 7.40 4.84 -11.41
CA ALA B 147 7.76 5.06 -12.80
C ALA B 147 8.94 4.26 -13.26
N LEU B 148 9.78 3.97 -12.33
CA LEU B 148 10.91 3.13 -12.58
C LEU B 148 10.46 1.69 -12.86
N ASN B 149 9.19 1.33 -12.58
CA ASN B 149 8.73 -0.06 -12.78
C ASN B 149 8.84 -0.58 -14.24
N SER B 150 8.91 0.31 -15.24
CA SER B 150 9.09 -0.06 -16.66
C SER B 150 10.36 -0.87 -16.86
N GLU B 151 11.25 -0.73 -15.90
CA GLU B 151 12.53 -1.43 -15.86
C GLU B 151 12.41 -2.76 -15.16
N SER B 152 11.27 -3.09 -14.58
CA SER B 152 11.15 -4.32 -13.83
C SER B 152 11.47 -5.61 -14.59
N ASN B 153 12.38 -6.43 -14.03
CA ASN B 153 12.79 -7.73 -14.54
C ASN B 153 11.81 -8.81 -14.11
N PHE B 154 11.35 -8.65 -12.88
CA PHE B 154 10.40 -9.54 -12.36
C PHE B 154 9.16 -9.33 -13.14
N ALA B 155 8.83 -8.08 -13.44
CA ALA B 155 7.59 -7.86 -14.17
C ALA B 155 7.63 -8.48 -15.54
N ARG B 156 8.80 -8.48 -16.16
CA ARG B 156 8.93 -9.10 -17.49
C ARG B 156 8.88 -10.61 -17.41
N ALA B 157 9.75 -11.15 -16.56
CA ALA B 157 9.90 -12.58 -16.40
C ALA B 157 8.58 -13.22 -16.17
N TYR B 158 7.86 -12.63 -15.22
CA TYR B 158 6.50 -13.05 -14.92
C TYR B 158 5.60 -13.05 -16.18
N ALA B 159 5.47 -11.94 -16.88
CA ALA B 159 4.66 -11.96 -18.11
C ALA B 159 5.16 -13.05 -19.04
N GLU B 160 6.48 -13.21 -19.04
CA GLU B 160 7.19 -14.18 -19.87
C GLU B 160 6.83 -15.61 -19.51
N GLY B 161 6.31 -15.83 -18.34
CA GLY B 161 5.93 -17.17 -18.01
C GLY B 161 6.89 -17.92 -17.13
N ILE B 162 7.64 -17.24 -16.27
CA ILE B 162 8.52 -17.98 -15.38
C ILE B 162 7.82 -18.88 -14.35
N ASN B 163 8.57 -19.85 -13.85
CA ASN B 163 8.08 -20.80 -12.88
C ASN B 163 8.16 -20.23 -11.47
N ARG B 164 7.11 -20.44 -10.67
CA ARG B 164 7.08 -19.86 -9.34
C ARG B 164 8.42 -19.97 -8.64
N THR B 165 9.09 -21.07 -8.99
CA THR B 165 10.39 -21.42 -8.43
C THR B 165 11.46 -20.36 -8.56
N LYS B 166 11.54 -19.75 -9.74
CA LYS B 166 12.48 -18.70 -10.12
C LYS B 166 12.05 -17.29 -9.78
N TYR B 167 10.86 -17.13 -9.23
CA TYR B 167 10.37 -15.82 -8.90
C TYR B 167 11.35 -15.01 -8.11
N TRP B 168 11.90 -15.70 -7.09
CA TRP B 168 12.84 -15.10 -6.16
C TRP B 168 14.05 -14.49 -6.82
N GLU B 169 14.53 -15.11 -7.92
CA GLU B 169 15.76 -14.60 -8.58
C GLU B 169 15.53 -13.25 -9.22
N PHE B 170 14.35 -13.09 -9.83
CA PHE B 170 13.97 -11.83 -10.47
C PHE B 170 13.79 -10.69 -9.48
N VAL B 171 13.09 -11.05 -8.45
CA VAL B 171 12.86 -10.18 -7.36
C VAL B 171 14.23 -9.79 -6.81
N TYR B 172 15.16 -10.72 -6.76
CA TYR B 172 16.51 -10.38 -6.24
C TYR B 172 17.18 -9.26 -7.09
N GLU B 173 17.13 -9.39 -8.42
CA GLU B 173 17.69 -8.38 -9.31
C GLU B 173 16.97 -7.08 -9.17
N ASP B 174 15.61 -7.12 -9.18
CA ASP B 174 14.88 -5.87 -9.05
C ASP B 174 15.24 -5.17 -7.78
N ALA B 175 15.39 -6.00 -6.75
CA ALA B 175 15.78 -5.50 -5.44
C ALA B 175 17.17 -4.88 -5.42
N MET B 176 18.18 -5.53 -6.04
CA MET B 176 19.51 -4.96 -6.02
C MET B 176 19.58 -3.62 -6.74
N ASP B 177 18.84 -3.53 -7.88
CA ASP B 177 18.78 -2.39 -8.76
C ASP B 177 18.13 -1.16 -8.13
N LEU B 178 17.06 -1.40 -7.38
CA LEU B 178 16.36 -0.35 -6.71
C LEU B 178 17.16 0.28 -5.63
N ILE B 179 17.71 -0.54 -4.75
CA ILE B 179 18.60 -0.08 -3.69
C ILE B 179 19.78 0.69 -4.29
N ALA B 180 20.25 0.28 -5.42
CA ALA B 180 21.37 0.97 -6.08
C ALA B 180 20.96 2.34 -6.57
N LYS B 181 19.74 2.46 -7.07
CA LYS B 181 19.26 3.71 -7.65
C LYS B 181 18.62 4.68 -6.67
N LEU B 182 18.05 4.15 -5.63
CA LEU B 182 17.41 5.00 -4.65
C LEU B 182 18.14 6.33 -4.31
N PRO B 183 19.43 6.26 -4.03
CA PRO B 183 20.16 7.45 -3.66
C PRO B 183 20.22 8.46 -4.80
N CYS B 184 20.24 7.92 -6.02
CA CYS B 184 20.24 8.73 -7.20
C CYS B 184 18.95 9.54 -7.25
N VAL B 185 17.82 8.86 -7.06
CA VAL B 185 16.55 9.54 -7.02
C VAL B 185 16.45 10.43 -5.82
N ALA B 186 16.97 9.97 -4.67
CA ALA B 186 16.79 10.79 -3.50
C ALA B 186 17.55 12.08 -3.61
N ALA B 187 18.77 11.96 -4.10
CA ALA B 187 19.71 13.07 -4.24
C ALA B 187 19.19 14.11 -5.23
N LYS B 188 18.70 13.62 -6.39
CA LYS B 188 18.18 14.50 -7.41
C LYS B 188 17.05 15.35 -6.83
N ILE B 189 16.26 14.73 -5.98
CA ILE B 189 15.17 15.42 -5.33
C ILE B 189 15.61 16.58 -4.42
N TYR B 190 16.66 16.32 -3.67
CA TYR B 190 17.18 17.27 -2.74
C TYR B 190 17.69 18.49 -3.50
N ARG B 191 18.51 18.18 -4.45
CA ARG B 191 19.18 19.10 -5.34
C ARG B 191 18.18 19.97 -6.04
N ASN B 192 17.34 19.33 -6.74
CA ASN B 192 16.35 20.08 -7.45
C ASN B 192 15.54 20.99 -6.52
N LEU B 193 15.24 20.52 -5.30
CA LEU B 193 14.43 21.29 -4.38
C LEU B 193 15.23 22.33 -3.61
N TYR B 194 16.40 21.95 -3.17
CA TYR B 194 17.18 22.80 -2.28
C TYR B 194 18.51 23.31 -2.80
N ARG B 195 18.97 22.81 -3.95
CA ARG B 195 20.24 23.19 -4.53
C ARG B 195 20.09 23.76 -5.91
N ALA B 196 18.99 24.42 -6.11
CA ALA B 196 18.87 25.09 -7.37
C ALA B 196 19.00 24.19 -8.58
N GLY B 197 18.60 22.94 -8.43
CA GLY B 197 18.60 22.05 -9.58
C GLY B 197 20.01 21.71 -10.08
N SER B 198 21.04 21.96 -9.27
CA SER B 198 22.38 21.56 -9.66
C SER B 198 22.51 20.01 -9.86
N SER B 199 23.48 19.57 -10.70
CA SER B 199 23.59 18.15 -10.96
C SER B 199 24.05 17.37 -9.77
N ILE B 200 23.63 16.11 -9.74
CA ILE B 200 23.97 15.24 -8.63
C ILE B 200 25.39 14.70 -8.78
N GLY B 201 25.85 14.73 -10.04
CA GLY B 201 27.17 14.27 -10.38
C GLY B 201 27.22 12.75 -10.64
N ALA B 202 28.30 12.14 -10.13
CA ALA B 202 28.64 10.74 -10.32
C ALA B 202 28.83 9.88 -9.06
N ILE B 203 28.82 8.56 -9.31
CA ILE B 203 29.07 7.50 -8.38
C ILE B 203 30.54 7.09 -8.54
N ASP B 204 31.23 7.16 -7.43
CA ASP B 204 32.63 6.74 -7.41
C ASP B 204 32.56 5.24 -7.11
N SER B 205 32.93 4.46 -8.09
CA SER B 205 32.81 3.05 -7.91
C SER B 205 33.62 2.53 -6.74
N LYS B 206 34.53 3.35 -6.23
CA LYS B 206 35.41 2.92 -5.15
C LYS B 206 34.90 3.24 -3.76
N LEU B 207 33.72 3.84 -3.64
CA LEU B 207 33.19 4.24 -2.33
C LEU B 207 32.04 3.32 -1.91
N ASP B 208 31.61 3.46 -0.64
CA ASP B 208 30.46 2.73 -0.12
C ASP B 208 29.16 3.54 -0.39
N TRP B 209 28.07 2.85 -0.48
CA TRP B 209 26.75 3.42 -0.73
C TRP B 209 26.41 4.75 0.02
N SER B 210 26.61 4.82 1.35
CA SER B 210 26.35 6.07 2.07
C SER B 210 27.23 7.20 1.59
N HIS B 211 28.46 6.83 1.29
CA HIS B 211 29.43 7.81 0.87
C HIS B 211 29.11 8.41 -0.48
N ASN B 212 28.61 7.58 -1.39
CA ASN B 212 28.26 8.14 -2.70
C ASN B 212 27.02 9.03 -2.55
N PHE B 213 26.13 8.62 -1.65
CA PHE B 213 24.87 9.33 -1.40
C PHE B 213 25.14 10.70 -0.86
N THR B 214 26.02 10.77 0.13
CA THR B 214 26.30 12.05 0.73
C THR B 214 26.94 12.97 -0.27
N ASN B 215 27.73 12.40 -1.18
CA ASN B 215 28.40 13.18 -2.22
C ASN B 215 27.37 13.73 -3.12
N MET B 216 26.43 12.88 -3.53
CA MET B 216 25.39 13.37 -4.41
C MET B 216 24.62 14.44 -3.67
N LEU B 217 24.49 14.31 -2.37
CA LEU B 217 23.77 15.35 -1.66
C LEU B 217 24.63 16.60 -1.61
N GLY B 218 25.96 16.41 -1.71
CA GLY B 218 26.85 17.59 -1.62
C GLY B 218 27.30 17.93 -0.20
N TYR B 219 27.44 16.93 0.67
CA TYR B 219 27.89 17.09 2.04
C TYR B 219 29.24 16.39 2.15
N THR B 220 30.16 16.96 2.91
CA THR B 220 31.51 16.42 2.98
C THR B 220 32.10 16.27 4.39
N ASP B 221 31.34 16.64 5.42
CA ASP B 221 31.82 16.46 6.77
C ASP B 221 31.99 14.98 6.94
N PRO B 222 33.20 14.53 7.24
CA PRO B 222 33.37 13.12 7.29
C PRO B 222 32.52 12.50 8.38
N GLN B 223 32.11 13.34 9.31
CA GLN B 223 31.30 12.85 10.40
C GLN B 223 29.85 12.69 9.97
N PHE B 224 29.45 13.55 9.07
CA PHE B 224 28.16 13.48 8.48
C PHE B 224 28.06 12.22 7.65
N THR B 225 29.20 11.77 7.12
CA THR B 225 29.21 10.53 6.38
C THR B 225 28.92 9.35 7.31
N GLU B 226 29.66 9.33 8.43
CA GLU B 226 29.49 8.32 9.46
C GLU B 226 28.04 8.26 9.99
N LEU B 227 27.42 9.43 10.15
CA LEU B 227 26.05 9.55 10.61
C LEU B 227 25.16 8.87 9.64
N MET B 228 25.38 9.24 8.37
CA MET B 228 24.60 8.72 7.29
C MET B 228 24.64 7.21 7.33
N ARG B 229 25.82 6.67 7.64
CA ARG B 229 25.97 5.22 7.73
C ARG B 229 25.18 4.60 8.85
N LEU B 230 25.20 5.27 9.98
CA LEU B 230 24.50 4.82 11.13
C LEU B 230 23.03 4.94 10.83
N TYR B 231 22.63 6.12 10.38
CA TYR B 231 21.24 6.42 10.03
C TYR B 231 20.59 5.36 9.12
N LEU B 232 21.27 5.08 8.04
CA LEU B 232 20.81 4.10 7.10
C LEU B 232 20.80 2.67 7.65
N THR B 233 21.69 2.37 8.58
CA THR B 233 21.72 1.01 9.14
C THR B 233 20.51 0.76 10.07
N ILE B 234 20.31 1.68 10.99
CA ILE B 234 19.30 1.59 12.00
C ILE B 234 17.84 1.70 11.58
N HIS B 235 17.59 2.36 10.46
CA HIS B 235 16.21 2.52 9.99
C HIS B 235 15.80 1.47 8.96
N SER B 236 16.72 0.53 8.70
CA SER B 236 16.54 -0.46 7.65
C SER B 236 15.36 -1.40 7.76
N ASP B 237 15.05 -1.82 8.99
CA ASP B 237 14.02 -2.81 9.28
C ASP B 237 13.46 -2.68 10.69
N HIS B 238 12.20 -3.03 10.85
CA HIS B 238 11.49 -2.90 12.12
C HIS B 238 10.34 -3.88 12.23
N GLU B 239 10.69 -5.13 11.92
CA GLU B 239 9.82 -6.24 11.85
C GLU B 239 8.79 -5.95 10.79
N GLY B 240 7.84 -6.85 10.57
CA GLY B 240 6.98 -6.60 9.46
C GLY B 240 5.58 -6.02 9.71
N GLY B 241 5.16 -5.80 10.96
CA GLY B 241 3.81 -5.29 11.15
C GLY B 241 3.76 -3.77 10.99
N ASN B 242 4.94 -3.16 10.80
CA ASN B 242 4.94 -1.70 10.62
C ASN B 242 4.25 -1.31 9.32
N VAL B 243 3.65 -0.12 9.27
CA VAL B 243 2.92 0.27 8.07
C VAL B 243 3.66 0.12 6.75
N SER B 244 4.86 0.62 6.70
CA SER B 244 5.59 0.55 5.44
C SER B 244 5.94 -0.87 5.02
N ALA B 245 6.41 -1.67 5.98
CA ALA B 245 6.80 -3.04 5.70
C ALA B 245 5.58 -3.86 5.34
N HIS B 246 4.60 -3.73 6.20
CA HIS B 246 3.38 -4.46 5.94
C HIS B 246 2.88 -4.15 4.55
N THR B 247 2.86 -2.86 4.20
CA THR B 247 2.38 -2.44 2.88
C THR B 247 3.12 -3.13 1.75
N SER B 248 4.42 -3.07 1.84
CA SER B 248 5.27 -3.70 0.85
C SER B 248 5.00 -5.17 0.74
N HIS B 249 4.79 -5.75 1.90
CA HIS B 249 4.54 -7.15 2.00
C HIS B 249 3.16 -7.49 1.41
N LEU B 250 2.15 -6.69 1.76
CA LEU B 250 0.78 -6.92 1.28
C LEU B 250 0.71 -6.77 -0.22
N VAL B 251 1.27 -5.67 -0.71
CA VAL B 251 1.34 -5.41 -2.12
C VAL B 251 2.22 -6.46 -2.88
N GLY B 252 3.36 -6.86 -2.28
CA GLY B 252 4.25 -7.84 -2.90
C GLY B 252 3.55 -9.16 -3.13
N SER B 253 2.62 -9.44 -2.20
CA SER B 253 1.84 -10.64 -2.24
C SER B 253 1.02 -10.85 -3.50
N ALA B 254 0.50 -9.75 -4.11
CA ALA B 254 -0.33 -9.90 -5.32
C ALA B 254 0.56 -10.18 -6.50
N LEU B 255 1.85 -10.21 -6.22
CA LEU B 255 2.91 -10.36 -7.18
C LEU B 255 3.22 -9.01 -7.88
N SER B 256 2.94 -7.86 -7.25
CA SER B 256 3.33 -6.61 -7.89
C SER B 256 4.84 -6.56 -7.83
N ASP B 257 5.54 -6.01 -8.83
CA ASP B 257 7.01 -6.00 -8.75
C ASP B 257 7.57 -5.22 -7.57
N PRO B 258 8.88 -5.28 -7.36
CA PRO B 258 9.44 -4.57 -6.24
C PRO B 258 9.36 -3.08 -6.34
N TYR B 259 9.22 -2.50 -7.53
CA TYR B 259 9.11 -1.04 -7.66
C TYR B 259 7.78 -0.59 -7.15
N LEU B 260 6.76 -1.31 -7.62
CA LEU B 260 5.41 -1.03 -7.20
C LEU B 260 5.25 -1.23 -5.71
N SER B 261 5.90 -2.26 -5.22
CA SER B 261 5.75 -2.57 -3.80
C SER B 261 6.33 -1.55 -2.85
N PHE B 262 7.54 -1.10 -3.18
CA PHE B 262 8.30 -0.12 -2.40
C PHE B 262 7.62 1.22 -2.44
N ALA B 263 7.14 1.53 -3.63
CA ALA B 263 6.46 2.79 -3.84
C ALA B 263 5.24 2.86 -2.96
N ALA B 264 4.48 1.76 -2.92
CA ALA B 264 3.30 1.72 -2.08
C ALA B 264 3.70 1.90 -0.64
N ALA B 265 4.79 1.27 -0.24
CA ALA B 265 5.29 1.40 1.12
C ALA B 265 5.67 2.86 1.45
N MET B 266 6.19 3.56 0.45
CA MET B 266 6.55 4.95 0.69
C MET B 266 5.35 5.77 1.03
N ASN B 267 4.23 5.47 0.38
CA ASN B 267 3.03 6.20 0.62
C ASN B 267 2.60 6.04 2.06
N GLY B 268 2.94 4.89 2.66
CA GLY B 268 2.57 4.65 4.04
C GLY B 268 3.55 5.28 5.02
N LEU B 269 4.83 5.21 4.68
CA LEU B 269 5.86 5.83 5.46
C LEU B 269 5.59 7.32 5.61
N ALA B 270 5.02 7.91 4.53
CA ALA B 270 4.68 9.33 4.48
C ALA B 270 3.53 9.73 5.41
N GLY B 271 2.88 8.80 6.07
CA GLY B 271 1.77 9.23 6.93
C GLY B 271 2.31 9.81 8.21
N PRO B 272 1.63 10.87 8.70
CA PRO B 272 1.96 11.61 9.92
C PRO B 272 2.18 10.80 11.18
N LEU B 273 1.49 9.65 11.30
CA LEU B 273 1.62 8.74 12.43
C LEU B 273 2.74 7.73 12.16
N HIS B 274 3.47 7.89 11.06
CA HIS B 274 4.50 6.93 10.71
C HIS B 274 5.84 7.59 10.46
N GLY B 275 6.50 7.28 9.37
CA GLY B 275 7.81 7.85 9.12
C GLY B 275 7.79 9.38 9.13
N LEU B 276 6.66 9.99 8.70
CA LEU B 276 6.63 11.48 8.62
C LEU B 276 6.91 12.17 9.93
N ALA B 277 6.71 11.42 11.01
CA ALA B 277 6.96 11.93 12.35
C ALA B 277 8.39 12.49 12.46
N ASN B 278 9.30 11.96 11.69
CA ASN B 278 10.70 12.41 11.52
C ASN B 278 10.71 13.94 11.43
N GLN B 279 9.97 14.39 10.42
CA GLN B 279 9.78 15.78 10.07
C GLN B 279 8.88 16.47 11.08
N GLU B 280 7.72 15.83 11.39
CA GLU B 280 6.84 16.46 12.40
C GLU B 280 7.58 16.93 13.67
N VAL B 281 8.35 16.00 14.29
CA VAL B 281 9.11 16.27 15.50
C VAL B 281 9.82 17.58 15.40
N LEU B 282 10.61 17.70 14.28
CA LEU B 282 11.38 18.90 13.98
C LEU B 282 10.63 20.20 13.97
N LEU B 283 9.46 20.17 13.30
CA LEU B 283 8.58 21.32 13.20
C LEU B 283 8.09 21.74 14.57
N TRP B 284 7.69 20.78 15.38
CA TRP B 284 7.21 21.04 16.70
C TRP B 284 8.38 21.52 17.60
N LEU B 285 9.54 20.91 17.44
CA LEU B 285 10.65 21.37 18.23
C LEU B 285 10.99 22.83 17.89
N SER B 286 10.84 23.17 16.61
CA SER B 286 11.19 24.55 16.22
C SER B 286 10.28 25.55 16.86
N GLN B 287 8.98 25.30 16.65
CA GLN B 287 7.92 26.12 17.18
C GLN B 287 8.00 26.25 18.72
N LEU B 288 8.54 25.22 19.33
CA LEU B 288 8.81 25.16 20.74
C LEU B 288 9.83 26.26 21.03
N GLN B 289 10.96 26.13 20.38
CA GLN B 289 12.05 27.07 20.55
C GLN B 289 11.64 28.51 20.32
N LYS B 290 10.73 28.77 19.36
CA LYS B 290 10.26 30.13 19.08
C LYS B 290 9.57 30.69 20.28
N ASP B 291 8.70 29.87 20.85
CA ASP B 291 7.88 30.29 21.96
C ASP B 291 8.63 30.40 23.25
N LEU B 292 9.12 29.27 23.73
CA LEU B 292 9.77 29.24 25.02
C LEU B 292 11.18 29.77 24.92
N GLY B 293 11.65 29.78 23.70
CA GLY B 293 12.99 30.30 23.54
C GLY B 293 14.00 29.19 23.57
N ALA B 294 15.25 29.57 23.34
CA ALA B 294 16.34 28.62 23.31
C ALA B 294 16.50 27.72 24.55
N ASP B 295 16.57 28.29 25.75
CA ASP B 295 16.73 27.48 26.93
C ASP B 295 15.60 27.65 27.96
N ALA B 296 14.68 26.66 27.98
CA ALA B 296 13.51 26.66 28.83
C ALA B 296 13.71 25.92 30.14
N SER B 297 12.79 26.15 31.04
CA SER B 297 12.79 25.53 32.34
C SER B 297 11.84 24.34 32.26
N ASP B 298 12.18 23.31 33.05
CA ASP B 298 11.44 22.07 33.04
C ASP B 298 9.99 22.33 33.23
N GLU B 299 9.79 23.35 34.08
CA GLU B 299 8.49 23.82 34.47
C GLU B 299 7.69 24.34 33.32
N LYS B 300 8.35 25.13 32.47
CA LYS B 300 7.75 25.70 31.25
C LYS B 300 7.62 24.62 30.16
N LEU B 301 8.54 23.69 30.17
CA LEU B 301 8.45 22.62 29.22
C LEU B 301 7.18 21.83 29.51
N ARG B 302 6.99 21.47 30.77
CA ARG B 302 5.83 20.70 31.13
C ARG B 302 4.59 21.30 30.60
N ASP B 303 4.39 22.54 30.97
CA ASP B 303 3.18 23.16 30.47
C ASP B 303 3.08 23.14 28.96
N TYR B 304 4.18 23.26 28.28
CA TYR B 304 4.07 23.25 26.84
C TYR B 304 3.49 21.92 26.38
N ILE B 305 3.83 20.85 27.08
CA ILE B 305 3.32 19.55 26.74
C ILE B 305 1.92 19.39 27.31
N TRP B 306 1.79 19.74 28.60
CA TRP B 306 0.50 19.62 29.25
C TRP B 306 -0.54 20.27 28.36
N ASN B 307 -0.09 21.30 27.63
CA ASN B 307 -0.92 22.04 26.73
C ASN B 307 -1.17 21.25 25.50
N THR B 308 -0.08 20.95 24.81
CA THR B 308 -0.13 20.18 23.58
C THR B 308 -1.18 19.04 23.67
N LEU B 309 -1.32 18.53 24.90
CA LEU B 309 -2.22 17.44 25.28
C LEU B 309 -3.66 17.84 25.34
N ASN B 310 -4.01 18.58 26.40
CA ASN B 310 -5.38 19.07 26.51
C ASN B 310 -5.50 20.14 25.47
N SER B 311 -5.71 19.67 24.26
CA SER B 311 -5.78 20.45 23.05
C SER B 311 -5.79 19.45 21.93
N GLY B 312 -5.98 18.19 22.33
CA GLY B 312 -6.10 17.03 21.45
C GLY B 312 -4.97 16.68 20.48
N ARG B 313 -3.72 17.02 20.85
CA ARG B 313 -2.63 16.66 19.99
C ARG B 313 -1.64 15.73 20.65
N VAL B 314 -1.03 14.93 19.80
CA VAL B 314 -0.04 13.97 20.23
C VAL B 314 1.36 14.57 20.27
N VAL B 315 2.20 14.08 21.21
CA VAL B 315 3.60 14.52 21.28
C VAL B 315 4.35 13.67 20.28
N PRO B 316 4.86 14.34 19.24
CA PRO B 316 5.57 13.67 18.17
C PRO B 316 6.84 12.93 18.63
N GLY B 317 7.03 11.70 18.12
CA GLY B 317 8.22 10.90 18.42
C GLY B 317 8.12 10.09 19.69
N TYR B 318 6.96 10.14 20.32
CA TYR B 318 6.75 9.43 21.56
C TYR B 318 5.62 8.44 21.34
N GLY B 319 5.67 7.30 22.05
CA GLY B 319 4.63 6.32 21.84
C GLY B 319 5.06 5.28 20.80
N HIS B 320 4.37 4.13 20.80
CA HIS B 320 4.69 3.03 19.91
C HIS B 320 3.59 2.02 19.94
N ALA B 321 3.30 1.41 18.81
CA ALA B 321 2.26 0.41 18.70
C ALA B 321 2.58 -0.86 19.47
N VAL B 322 3.88 -1.23 19.41
CA VAL B 322 4.45 -2.47 19.98
C VAL B 322 5.42 -2.22 21.12
N LEU B 323 6.48 -1.42 20.88
CA LEU B 323 7.44 -1.08 21.93
C LEU B 323 6.70 -0.54 23.12
N ARG B 324 7.25 -0.90 24.29
CA ARG B 324 6.73 -0.51 25.60
C ARG B 324 7.81 0.18 26.48
N LYS B 325 9.00 0.22 25.92
CA LYS B 325 10.14 0.83 26.54
C LYS B 325 10.84 1.72 25.54
N THR B 326 11.83 2.50 26.01
CA THR B 326 12.61 3.34 25.17
C THR B 326 13.33 2.54 24.09
N ASP B 327 13.07 2.95 22.85
CA ASP B 327 13.61 2.43 21.59
C ASP B 327 15.14 2.53 21.55
N PRO B 328 15.79 1.40 21.40
CA PRO B 328 17.25 1.37 21.29
C PRO B 328 17.78 2.27 20.16
N ARG B 329 16.85 2.57 19.18
CA ARG B 329 17.16 3.43 18.03
C ARG B 329 17.31 4.85 18.53
N TYR B 330 16.38 5.23 19.39
CA TYR B 330 16.51 6.51 20.10
C TYR B 330 17.87 6.58 20.88
N THR B 331 18.09 5.62 21.76
CA THR B 331 19.33 5.59 22.56
C THR B 331 20.58 5.64 21.70
N CYS B 332 20.53 4.80 20.71
CA CYS B 332 21.63 4.75 19.83
C CYS B 332 21.89 6.14 19.25
N GLN B 333 20.83 6.89 18.96
CA GLN B 333 21.10 8.19 18.42
C GLN B 333 21.67 9.13 19.43
N ARG B 334 21.10 9.09 20.61
CA ARG B 334 21.55 9.91 21.70
C ARG B 334 23.02 9.65 22.08
N GLU B 335 23.45 8.39 22.08
CA GLU B 335 24.86 8.17 22.33
C GLU B 335 25.69 8.92 21.28
N PHE B 336 25.24 8.88 20.01
CA PHE B 336 25.93 9.57 18.94
C PHE B 336 26.08 11.08 19.19
N ALA B 337 24.97 11.73 19.58
CA ALA B 337 25.00 13.15 19.89
C ALA B 337 25.95 13.44 21.01
N LEU B 338 25.89 12.60 22.03
CA LEU B 338 26.74 12.71 23.19
C LEU B 338 28.17 12.67 22.75
N LYS B 339 28.48 11.81 21.79
CA LYS B 339 29.86 11.89 21.40
C LYS B 339 30.14 13.06 20.42
N HIS B 340 29.13 13.57 19.67
CA HIS B 340 29.47 14.59 18.67
C HIS B 340 28.90 15.99 18.74
N LEU B 341 27.75 16.15 19.32
CA LEU B 341 27.15 17.48 19.39
C LEU B 341 26.40 17.64 20.67
N PRO B 342 27.15 17.44 21.77
CA PRO B 342 26.59 17.52 23.09
C PRO B 342 26.18 18.91 23.46
N SER B 343 26.86 19.89 22.91
CA SER B 343 26.52 21.24 23.26
C SER B 343 25.46 21.83 22.38
N ASP B 344 24.91 21.01 21.51
CA ASP B 344 23.88 21.51 20.65
C ASP B 344 22.61 21.78 21.43
N PRO B 345 22.16 23.02 21.33
CA PRO B 345 20.95 23.51 21.99
C PRO B 345 19.71 22.65 21.70
N MET B 346 19.47 22.38 20.42
CA MET B 346 18.35 21.56 20.04
C MET B 346 18.51 20.21 20.67
N PHE B 347 19.71 19.66 20.52
CA PHE B 347 20.03 18.39 21.14
C PHE B 347 19.71 18.44 22.66
N LYS B 348 20.21 19.46 23.37
CA LYS B 348 19.95 19.56 24.79
C LYS B 348 18.44 19.61 25.08
N LEU B 349 17.70 20.15 24.17
CA LEU B 349 16.27 20.25 24.40
C LEU B 349 15.62 18.88 24.29
N VAL B 350 16.10 18.16 23.29
CA VAL B 350 15.52 16.88 23.04
C VAL B 350 15.73 16.01 24.26
N ALA B 351 16.91 16.19 24.79
CA ALA B 351 17.41 15.52 25.97
C ALA B 351 16.60 15.84 27.22
N GLN B 352 16.25 17.10 27.32
CA GLN B 352 15.45 17.60 28.41
C GLN B 352 14.01 17.06 28.32
N LEU B 353 13.52 16.94 27.07
CA LEU B 353 12.20 16.44 26.74
C LEU B 353 12.02 15.00 27.22
N TYR B 354 13.08 14.23 27.00
CA TYR B 354 13.20 12.84 27.40
C TYR B 354 12.85 12.66 28.86
N LYS B 355 13.37 13.54 29.72
CA LYS B 355 13.07 13.47 31.16
C LYS B 355 11.67 13.92 31.59
N ILE B 356 11.06 14.74 30.77
CA ILE B 356 9.76 15.24 31.10
C ILE B 356 8.54 14.55 30.49
N VAL B 357 8.56 14.29 29.18
CA VAL B 357 7.41 13.72 28.46
C VAL B 357 6.83 12.43 29.03
N PRO B 358 7.73 11.53 29.35
CA PRO B 358 7.34 10.25 29.86
C PRO B 358 6.50 10.34 31.12
N ASN B 359 6.84 11.25 32.01
CA ASN B 359 6.03 11.41 33.21
C ASN B 359 4.70 12.05 32.90
N VAL B 360 4.73 12.91 31.89
CA VAL B 360 3.51 13.58 31.51
C VAL B 360 2.52 12.60 30.88
N LEU B 361 3.10 11.79 30.02
CA LEU B 361 2.42 10.76 29.27
C LEU B 361 2.07 9.59 30.19
N LEU B 362 2.43 9.74 31.46
CA LEU B 362 2.13 8.74 32.45
C LEU B 362 1.00 9.21 33.32
N GLU B 363 1.03 10.48 33.67
CA GLU B 363 -0.10 10.95 34.46
C GLU B 363 -1.30 11.22 33.59
N GLN B 364 -1.04 11.45 32.31
CA GLN B 364 -2.13 11.65 31.39
C GLN B 364 -2.95 10.34 31.37
N GLY B 365 -2.25 9.19 31.34
CA GLY B 365 -2.84 7.84 31.44
C GLY B 365 -3.38 7.16 30.20
N LYS B 366 -3.10 7.68 29.02
CA LYS B 366 -3.64 7.09 27.80
C LYS B 366 -2.67 6.24 27.03
N ALA B 367 -1.52 6.83 26.64
CA ALA B 367 -0.47 6.15 25.88
C ALA B 367 -0.05 4.89 26.58
N LYS B 368 0.23 3.85 25.82
CA LYS B 368 0.67 2.59 26.39
C LYS B 368 2.16 2.65 26.60
N ASN B 369 2.84 3.24 25.62
CA ASN B 369 4.26 3.44 25.68
C ASN B 369 4.50 4.93 25.89
N PRO B 370 4.99 5.31 27.07
CA PRO B 370 5.22 6.71 27.39
C PRO B 370 6.58 7.22 26.84
N TRP B 371 7.42 6.27 26.38
CA TRP B 371 8.75 6.54 25.83
C TRP B 371 8.82 6.93 24.35
N PRO B 372 10.03 7.33 23.97
CA PRO B 372 10.28 7.82 22.66
C PRO B 372 10.68 6.74 21.71
N ASN B 373 10.48 7.03 20.42
CA ASN B 373 10.83 6.13 19.40
C ASN B 373 11.93 6.75 18.53
N VAL B 374 12.46 5.97 17.60
CA VAL B 374 13.50 6.51 16.75
C VAL B 374 13.24 7.95 16.24
N ASP B 375 11.98 8.25 15.91
CA ASP B 375 11.60 9.52 15.29
C ASP B 375 11.94 10.78 16.06
N ALA B 376 11.83 10.66 17.38
CA ALA B 376 12.10 11.69 18.37
C ALA B 376 13.51 12.24 18.35
N HIS B 377 14.45 11.47 17.79
CA HIS B 377 15.87 11.82 17.84
C HIS B 377 16.67 11.96 16.54
N SER B 378 16.13 11.58 15.38
CA SER B 378 16.93 11.61 14.14
C SER B 378 17.19 12.99 13.60
N GLY B 379 16.12 13.79 13.48
CA GLY B 379 16.15 15.15 12.98
C GLY B 379 17.15 16.09 13.64
N VAL B 380 17.22 16.02 14.96
CA VAL B 380 18.14 16.87 15.71
C VAL B 380 19.55 16.59 15.24
N LEU B 381 19.82 15.34 14.89
CA LEU B 381 21.17 14.99 14.43
C LEU B 381 21.48 15.58 13.08
N LEU B 382 20.55 15.36 12.16
CA LEU B 382 20.68 15.85 10.80
C LEU B 382 20.94 17.36 10.75
N GLN B 383 20.03 18.07 11.40
CA GLN B 383 19.97 19.53 11.45
C GLN B 383 21.30 20.11 11.86
N TYR B 384 21.91 19.38 12.76
CA TYR B 384 23.19 19.80 13.29
C TYR B 384 24.28 19.91 12.22
N TYR B 385 24.23 19.01 11.27
CA TYR B 385 25.21 18.92 10.19
C TYR B 385 24.86 19.77 9.02
N GLY B 386 23.90 20.62 9.23
CA GLY B 386 23.51 21.48 8.14
C GLY B 386 22.28 21.06 7.34
N MET B 387 21.79 19.83 7.50
CA MET B 387 20.61 19.48 6.73
C MET B 387 19.35 19.93 7.49
N THR B 388 18.96 21.17 7.24
CA THR B 388 17.82 21.85 7.86
C THR B 388 16.52 21.69 7.08
N GLU B 389 16.59 21.10 5.94
CA GLU B 389 15.40 20.98 5.14
C GLU B 389 14.52 19.88 5.71
N MET B 390 13.77 20.22 6.72
CA MET B 390 12.98 19.17 7.38
C MET B 390 11.96 18.32 6.63
N ASN B 391 11.53 18.81 5.48
CA ASN B 391 10.54 18.09 4.68
C ASN B 391 11.17 16.98 3.88
N TYR B 392 12.48 16.86 4.05
CA TYR B 392 13.25 15.81 3.41
C TYR B 392 13.63 14.61 4.29
N TYR B 393 13.60 14.77 5.59
CA TYR B 393 13.98 13.76 6.50
C TYR B 393 13.35 12.42 6.26
N THR B 394 12.06 12.43 5.94
CA THR B 394 11.40 11.15 5.72
C THR B 394 11.98 10.42 4.52
N VAL B 395 12.45 11.16 3.55
CA VAL B 395 13.09 10.54 2.38
C VAL B 395 14.24 9.65 2.82
N LEU B 396 15.02 10.20 3.73
CA LEU B 396 16.16 9.49 4.29
C LEU B 396 15.75 8.18 4.94
N PHE B 397 14.69 8.25 5.72
CA PHE B 397 14.11 7.08 6.36
C PHE B 397 13.67 6.09 5.25
N GLY B 398 12.95 6.57 4.23
CA GLY B 398 12.53 5.72 3.13
C GLY B 398 13.69 4.97 2.50
N VAL B 399 14.79 5.69 2.15
CA VAL B 399 15.97 5.04 1.55
C VAL B 399 16.55 3.93 2.47
N SER B 400 16.44 4.12 3.78
CA SER B 400 16.90 3.11 4.74
C SER B 400 15.96 1.91 4.77
N ARG B 401 14.69 2.17 4.87
CA ARG B 401 13.70 1.13 4.91
C ARG B 401 13.77 0.14 3.72
N ALA B 402 14.23 0.58 2.57
CA ALA B 402 14.33 -0.34 1.44
C ALA B 402 15.17 -1.54 1.77
N LEU B 403 16.22 -1.30 2.56
CA LEU B 403 17.13 -2.34 2.99
C LEU B 403 16.35 -3.50 3.59
N GLY B 404 15.56 -3.22 4.63
CA GLY B 404 14.74 -4.20 5.30
C GLY B 404 13.68 -4.85 4.42
N VAL B 405 12.72 -4.03 3.97
CA VAL B 405 11.61 -4.52 3.16
C VAL B 405 11.97 -5.39 1.96
N LEU B 406 12.94 -4.93 1.21
CA LEU B 406 13.39 -5.67 0.06
C LEU B 406 14.04 -6.99 0.47
N ALA B 407 14.82 -6.98 1.55
CA ALA B 407 15.47 -8.21 2.03
C ALA B 407 14.38 -9.26 2.29
N GLN B 408 13.29 -8.85 2.93
CA GLN B 408 12.15 -9.74 3.11
C GLN B 408 11.45 -10.11 1.78
N LEU B 409 11.22 -9.14 0.87
CA LEU B 409 10.55 -9.40 -0.39
C LEU B 409 11.04 -10.67 -1.10
N ILE B 410 12.36 -10.78 -1.19
CA ILE B 410 13.06 -11.94 -1.75
C ILE B 410 12.59 -13.23 -1.05
N TRP B 411 12.67 -13.23 0.29
CA TRP B 411 12.24 -14.36 1.07
C TRP B 411 10.75 -14.73 0.92
N SER B 412 9.90 -13.74 0.89
CA SER B 412 8.52 -14.04 0.76
C SER B 412 8.29 -14.84 -0.51
N ARG B 413 8.89 -14.35 -1.61
CA ARG B 413 8.72 -15.06 -2.84
C ARG B 413 9.51 -16.38 -2.85
N ALA B 414 10.67 -16.41 -2.21
CA ALA B 414 11.45 -17.64 -2.21
C ALA B 414 10.69 -18.68 -1.43
N LEU B 415 9.88 -18.26 -0.49
CA LEU B 415 9.14 -19.32 0.19
C LEU B 415 7.70 -19.43 -0.27
N GLY B 416 7.38 -18.78 -1.37
CA GLY B 416 6.06 -18.85 -1.93
C GLY B 416 4.94 -18.48 -0.97
N PHE B 417 5.13 -17.46 -0.18
CA PHE B 417 4.05 -16.99 0.65
C PHE B 417 3.00 -16.52 -0.31
N PRO B 418 1.76 -16.80 0.00
CA PRO B 418 0.71 -16.46 -0.89
C PRO B 418 0.10 -15.08 -0.64
N LEU B 419 -0.96 -14.83 -1.40
CA LEU B 419 -1.75 -13.61 -1.33
C LEU B 419 -2.24 -13.34 0.09
N GLU B 420 -1.97 -12.14 0.55
CA GLU B 420 -2.44 -11.70 1.85
C GLU B 420 -3.82 -11.18 1.60
N ARG B 421 -4.79 -11.88 2.18
CA ARG B 421 -6.20 -11.64 1.95
C ARG B 421 -7.02 -12.16 3.13
N PRO B 422 -7.21 -11.36 4.19
CA PRO B 422 -8.03 -11.82 5.32
C PRO B 422 -9.48 -11.54 5.04
N LYS B 423 -10.27 -11.85 6.05
CA LYS B 423 -11.69 -11.60 5.98
C LYS B 423 -12.06 -10.32 6.76
N SER B 424 -12.91 -9.52 6.17
CA SER B 424 -13.41 -8.30 6.80
C SER B 424 -14.83 -8.56 7.30
N MET B 425 -15.25 -7.68 8.21
CA MET B 425 -16.59 -7.70 8.75
C MET B 425 -17.08 -6.28 8.99
N SER B 426 -18.39 -6.14 8.87
CA SER B 426 -19.16 -4.97 9.13
C SER B 426 -19.59 -5.03 10.60
N THR B 427 -19.81 -3.88 11.20
CA THR B 427 -20.21 -3.83 12.62
C THR B 427 -21.50 -4.61 12.80
N ALA B 428 -22.41 -4.43 11.85
CA ALA B 428 -23.70 -5.08 11.85
C ALA B 428 -23.58 -6.58 11.86
N GLY B 429 -22.50 -7.10 11.28
CA GLY B 429 -22.28 -8.55 11.15
C GLY B 429 -21.60 -9.09 12.36
N LEU B 430 -20.74 -8.25 12.90
CA LEU B 430 -20.01 -8.59 14.10
C LEU B 430 -21.03 -8.70 15.23
N GLU B 431 -21.98 -7.76 15.19
CA GLU B 431 -23.04 -7.76 16.17
C GLU B 431 -23.83 -9.05 16.08
N LYS B 432 -24.23 -9.39 14.87
CA LYS B 432 -24.95 -10.62 14.62
C LYS B 432 -24.19 -11.84 15.14
N LEU B 433 -22.89 -11.86 14.86
CA LEU B 433 -22.00 -12.95 15.23
C LEU B 433 -22.08 -13.18 16.73
N SER B 434 -21.80 -12.11 17.48
CA SER B 434 -21.84 -12.08 18.94
C SER B 434 -23.29 -12.10 19.49
N ALA B 435 -24.14 -11.15 19.05
CA ALA B 435 -25.54 -10.91 19.48
C ALA B 435 -25.95 -9.43 19.37
N GLY B 436 -25.17 -8.51 19.97
CA GLY B 436 -25.50 -7.09 19.88
C GLY B 436 -24.79 -6.20 20.91
N GLY B 437 -24.57 -4.94 20.59
CA GLY B 437 -23.91 -4.11 21.59
C GLY B 437 -24.76 -2.91 21.97
N1A COF C . -5.82 -21.97 -11.45
C2A COF C . -4.96 -22.92 -11.02
N3A COF C . -4.59 -23.23 -9.77
C4A COF C . -5.24 -22.45 -8.89
C5A COF C . -6.18 -21.45 -9.18
C6A COF C . -6.45 -21.17 -10.55
N6A COF C . -7.30 -20.21 -11.00
N7A COF C . -6.63 -20.88 -8.02
C8A COF C . -5.95 -21.52 -7.08
N9A COF C . -5.13 -22.50 -7.56
C1B COF C . -4.17 -23.26 -6.80
C2B COF C . -3.33 -22.27 -6.01
O2B COF C . -2.39 -21.62 -6.81
C3B COF C . -2.71 -23.19 -5.02
O3B COF C . -1.76 -24.05 -5.53
P3B COF C . -0.39 -24.27 -4.70
O7A COF C . 0.31 -22.95 -4.61
O8A COF C . 0.27 -25.44 -5.31
O9A COF C . -0.78 -24.67 -3.31
C4B COF C . -3.95 -23.94 -4.59
O4B COF C . -4.79 -23.96 -5.77
C5B COF C . -4.69 -23.27 -3.46
O5B COF C . -5.11 -21.99 -3.85
P1A COF C . -6.34 -21.36 -3.05
O1A COF C . -6.10 -21.52 -1.62
O2A COF C . -7.60 -21.97 -3.59
O3A COF C . -6.29 -19.83 -3.58
P2A COF C . -5.63 -18.61 -2.72
O4A COF C . -6.64 -18.11 -1.77
O5A COF C . -4.22 -18.84 -2.34
O6A COF C . -5.52 -17.54 -3.88
CBP COF C . -6.30 -16.60 -5.90
CCP COF C . -6.65 -16.99 -4.46
CDP COF C . -7.31 -15.62 -6.33
CEP COF C . -4.97 -15.88 -5.92
CAP COF C . -6.28 -17.81 -6.88
OAP COF C . -7.30 -18.72 -7.01
C9P COF C . -5.53 -17.53 -8.26
O9P COF C . -4.34 -17.62 -8.39
N8P COF C . -6.37 -17.10 -9.26
N8P COF C . -6.37 -17.22 -9.31
C7P COF C . -6.01 -16.73 -10.54
C7P COF C . -5.84 -16.97 -10.62
C6P COF C . -5.68 -15.30 -10.61
C6P COF C . -5.15 -15.60 -10.75
C5P COF C . -6.00 -14.57 -11.90
C5P COF C . -4.85 -15.25 -12.21
O5P COF C . -5.13 -14.42 -12.79
O5P COF C . -5.73 -15.21 -13.06
N4P COF C . -7.26 -14.11 -12.00
N4P COF C . -3.58 -15.02 -12.44
C3P COF C . -8.28 -14.29 -10.95
C3P COF C . -3.19 -14.64 -13.77
C2P COF C . -8.46 -13.07 -10.01
C2P COF C . -2.09 -15.49 -14.35
S1P COF C . -7.63 -13.28 -8.40
S1P COF C . -1.37 -14.64 -15.75
C1I COF C . -9.02 -13.13 -7.21
C1I COF C . -0.15 -15.85 -16.28
C2I COF C . -8.56 -12.79 -5.76
C2I COF C . -0.82 -17.14 -16.67
O1I COF C . -9.06 -13.15 -4.65
O1I COF C . -0.64 -18.14 -15.99
C3I COF C . -7.34 -11.91 -5.54
C3I COF C . -1.73 -17.23 -17.88
F1I COF C . -6.19 -12.65 -5.69
F1I COF C . -2.12 -18.54 -18.14
F2I COF C . -7.23 -10.80 -6.32
F2I COF C . -2.90 -16.50 -17.66
F3I COF C . -7.45 -11.51 -4.24
F3I COF C . -1.11 -16.71 -19.02
C1 CIT D . -10.83 -9.94 -3.76
O1 CIT D . -10.02 -10.37 -2.92
O2 CIT D . -12.05 -9.79 -3.51
C2 CIT D . -10.25 -9.60 -5.13
C3 CIT D . -11.32 -9.12 -6.13
O7 CIT D . -12.29 -10.18 -6.32
C4 CIT D . -10.72 -8.80 -7.49
C5 CIT D . -10.05 -10.00 -8.05
O3 CIT D . -8.83 -9.93 -8.07
O4 CIT D . -10.76 -10.99 -8.37
C6 CIT D . -11.90 -7.81 -5.65
O5 CIT D . -11.15 -7.16 -4.93
O6 CIT D . -12.96 -7.37 -6.13
N1A COF E . 1.29 11.42 22.41
C2A COF E . 0.01 11.55 22.80
N3A COF E . -0.96 10.66 22.88
C4A COF E . -0.49 9.46 22.53
C5A COF E . 0.81 9.16 22.13
C6A COF E . 1.73 10.22 22.04
N6A COF E . 3.03 10.09 21.69
N7A COF E . 0.90 7.79 21.86
C8A COF E . -0.32 7.35 22.08
N9A COF E . -1.20 8.29 22.51
C1B COF E . -2.63 8.12 22.77
C2B COF E . -3.27 7.44 21.57
O2B COF E . -3.57 8.39 20.58
C3B COF E . -4.52 6.88 22.21
O3B COF E . -5.43 7.94 22.55
P3B COF E . -7.00 7.82 22.18
O7A COF E . -7.11 7.41 20.74
O8A COF E . -7.65 9.07 22.67
O9A COF E . -7.51 6.71 23.01
C4B COF E . -3.95 6.32 23.49
O4B COF E . -2.83 7.19 23.80
C5B COF E . -3.52 4.83 23.42
O5B COF E . -2.90 4.53 22.15
P1A COF E . -1.59 3.66 22.03
O1A COF E . -1.96 2.23 21.83
O2A COF E . -0.58 4.03 23.08
O3A COF E . -0.94 4.21 20.67
P2A COF E . -1.27 3.29 19.39
O4A COF E . -0.66 1.95 19.52
O5A COF E . -2.71 3.38 19.07
O6A COF E . -0.49 4.11 18.25
CBP COF E . 1.29 5.59 17.85
CCP COF E . 0.91 4.25 18.35
CDP COF E . 2.68 5.66 17.35
CEP COF E . 0.32 6.03 16.78
CAP COF E . 1.12 6.54 19.00
OAP COF E . 2.13 6.33 19.95
C9P COF E . 1.23 8.02 18.52
O9P COF E . 0.23 8.60 18.09
N8P COF E . 2.41 8.48 18.49
N8P COF E . 2.47 8.40 18.50
C7P COF E . 2.75 9.79 18.17
C7P COF E . 2.71 9.80 17.97
C6P COF E . 3.17 9.82 16.72
C6P COF E . 3.08 9.80 16.52
C5P COF E . 4.21 10.81 16.32
C5P COF E . 3.49 11.17 16.04
O5P COF E . 3.86 11.94 15.98
O5P COF E . 4.54 11.71 16.44
N4P COF E . 5.48 10.39 16.39
N4P COF E . 2.67 11.68 15.14
C3P COF E . 5.81 9.04 16.79
C3P COF E . 2.95 12.94 14.51
C2P COF E . 5.95 8.12 15.57
C2P COF E . 2.73 14.12 15.48
S1P COF E . 4.47 7.14 15.21
S1P COF E . 2.32 15.58 14.53
C1I COF E . 5.30 5.50 15.06
C1I COF E . 2.56 16.79 15.87
C2I COF E . 4.46 4.25 14.63
C2I COF E . 2.43 18.25 15.41
O1I COF E . 4.21 4.07 13.42
O1I COF E . 3.42 18.90 15.03
C3I COF E . 3.98 3.31 15.79
C3I COF E . 1.01 18.83 15.44
F1I COF E . 4.26 1.95 15.69
F1I COF E . 0.51 19.07 14.16
F2I COF E . 4.59 3.73 16.95
F2I COF E . 0.15 17.92 16.06
F3I COF E . 2.60 3.42 15.98
F3I COF E . 0.95 20.02 16.17
C1 CIT F . 6.67 0.68 13.76
O1 CIT F . 7.65 -0.04 14.04
O2 CIT F . 5.48 0.35 13.82
C2 CIT F . 6.93 2.07 13.24
C3 CIT F . 8.39 2.48 13.17
O7 CIT F . 8.84 2.57 14.54
C4 CIT F . 8.50 3.87 12.56
C5 CIT F . 7.79 4.86 13.45
O3 CIT F . 6.76 5.40 12.98
O4 CIT F . 8.14 4.92 14.66
C6 CIT F . 9.20 1.51 12.30
O5 CIT F . 10.39 1.41 12.62
O6 CIT F . 8.77 1.16 11.17
#